data_1ENH
# 
_entry.id   1ENH 
# 
_audit_conform.dict_name       mmcif_pdbx.dic 
_audit_conform.dict_version    5.385 
_audit_conform.dict_location   http://mmcif.pdb.org/dictionaries/ascii/mmcif_pdbx.dic 
# 
loop_
_database_2.database_id 
_database_2.database_code 
_database_2.pdbx_database_accession 
_database_2.pdbx_DOI 
PDB   1ENH         pdb_00001enh 10.2210/pdb1enh/pdb 
WWPDB D_1000173092 ?            ?                   
# 
loop_
_pdbx_audit_revision_history.ordinal 
_pdbx_audit_revision_history.data_content_type 
_pdbx_audit_revision_history.major_revision 
_pdbx_audit_revision_history.minor_revision 
_pdbx_audit_revision_history.revision_date 
1 'Structure model' 1 0 1994-08-31 
2 'Structure model' 1 1 2008-03-24 
3 'Structure model' 1 2 2011-07-13 
4 'Structure model' 1 3 2024-02-07 
# 
_pdbx_audit_revision_details.ordinal             1 
_pdbx_audit_revision_details.revision_ordinal    1 
_pdbx_audit_revision_details.data_content_type   'Structure model' 
_pdbx_audit_revision_details.provider            repository 
_pdbx_audit_revision_details.type                'Initial release' 
_pdbx_audit_revision_details.description         ? 
_pdbx_audit_revision_details.details             ? 
# 
loop_
_pdbx_audit_revision_group.ordinal 
_pdbx_audit_revision_group.revision_ordinal 
_pdbx_audit_revision_group.data_content_type 
_pdbx_audit_revision_group.group 
1 2 'Structure model' 'Version format compliance' 
2 3 'Structure model' 'Version format compliance' 
3 4 'Structure model' 'Data collection'           
4 4 'Structure model' 'Database references'       
5 4 'Structure model' Other                       
6 4 'Structure model' 'Structure summary'         
# 
loop_
_pdbx_audit_revision_category.ordinal 
_pdbx_audit_revision_category.revision_ordinal 
_pdbx_audit_revision_category.data_content_type 
_pdbx_audit_revision_category.category 
1 4 'Structure model' chem_comp_atom       
2 4 'Structure model' chem_comp_bond       
3 4 'Structure model' database_2           
4 4 'Structure model' pdbx_database_status 
5 4 'Structure model' struct_keywords      
# 
loop_
_pdbx_audit_revision_item.ordinal 
_pdbx_audit_revision_item.revision_ordinal 
_pdbx_audit_revision_item.data_content_type 
_pdbx_audit_revision_item.item 
1 4 'Structure model' '_database_2.pdbx_DOI'                
2 4 'Structure model' '_database_2.pdbx_database_accession' 
3 4 'Structure model' '_pdbx_database_status.process_site'  
4 4 'Structure model' '_struct_keywords.text'               
# 
_pdbx_database_status.status_code                     REL 
_pdbx_database_status.entry_id                        1ENH 
_pdbx_database_status.recvd_initial_deposition_date   1994-05-20 
_pdbx_database_status.deposit_site                    ? 
_pdbx_database_status.process_site                    BNL 
_pdbx_database_status.SG_entry                        . 
_pdbx_database_status.pdb_format_compatible           Y 
_pdbx_database_status.status_code_mr                  ? 
_pdbx_database_status.status_code_sf                  ? 
_pdbx_database_status.status_code_cs                  ? 
_pdbx_database_status.status_code_nmr_data            ? 
_pdbx_database_status.methods_development_category    ? 
# 
loop_
_audit_author.name 
_audit_author.pdbx_ordinal 
'Clarke, N.D.'    1 
'Kissinger, C.R.' 2 
'Desjarlais, J.'  3 
'Gilliland, G.L.' 4 
'Pabo, C.O.'      5 
# 
loop_
_citation.id 
_citation.title 
_citation.journal_abbrev 
_citation.journal_volume 
_citation.page_first 
_citation.page_last 
_citation.year 
_citation.journal_id_ASTM 
_citation.country 
_citation.journal_id_ISSN 
_citation.journal_id_CSD 
_citation.book_publisher 
_citation.pdbx_database_id_PubMed 
_citation.pdbx_database_id_DOI 
primary 'Structural studies of the engrailed homeodomain.' 'Protein Sci.'          3  1779 1787 1994 PRCIEI US 0961-8368 0795 ? 
7849596 ? 
1       
;Crystal Structure of an Engrailed Homeodomain-DNA Complex at 2.8 Resolution: A Framework for Understanding Homeodomain-DNA Interactions
;
'Cell(Cambridge,Mass.)' 63 579  ?    1990 CELLB5 US 0092-8674 0998 ? ?       ? 
# 
loop_
_citation_author.citation_id 
_citation_author.name 
_citation_author.ordinal 
_citation_author.identifier_ORCID 
primary 'Clarke, N.D.'      1  ? 
primary 'Kissinger, C.R.'   2  ? 
primary 'Desjarlais, J.'    3  ? 
primary 'Gilliland, G.L.'   4  ? 
primary 'Pabo, C.O.'        5  ? 
1       'Kissinger, C.R.'   6  ? 
1       'Liu, B.'           7  ? 
1       'Martin-Blanco, E.' 8  ? 
1       'Kornberg, T.B.'    9  ? 
1       'Pabo, C.O.'        10 ? 
# 
loop_
_entity.id 
_entity.type 
_entity.src_method 
_entity.pdbx_description 
_entity.formula_weight 
_entity.pdbx_number_of_molecules 
_entity.pdbx_ec 
_entity.pdbx_mutation 
_entity.pdbx_fragment 
_entity.details 
1 polymer man 'ENGRAILED HOMEODOMAIN' 6619.536 1  ? ? ? ? 
2 water   nat water                   18.015   33 ? ? ? ? 
# 
_entity_poly.entity_id                      1 
_entity_poly.type                           'polypeptide(L)' 
_entity_poly.nstd_linkage                   no 
_entity_poly.nstd_monomer                   no 
_entity_poly.pdbx_seq_one_letter_code       RPRTAFSSEQLARLKREFNENRYLTERRRQQLSSELGLNEAQIKIWFQNKRAKI 
_entity_poly.pdbx_seq_one_letter_code_can   RPRTAFSSEQLARLKREFNENRYLTERRRQQLSSELGLNEAQIKIWFQNKRAKI 
_entity_poly.pdbx_strand_id                 A 
_entity_poly.pdbx_target_identifier         ? 
# 
_pdbx_entity_nonpoly.entity_id   2 
_pdbx_entity_nonpoly.name        water 
_pdbx_entity_nonpoly.comp_id     HOH 
# 
loop_
_entity_poly_seq.entity_id 
_entity_poly_seq.num 
_entity_poly_seq.mon_id 
_entity_poly_seq.hetero 
1 1  ARG n 
1 2  PRO n 
1 3  ARG n 
1 4  THR n 
1 5  ALA n 
1 6  PHE n 
1 7  SER n 
1 8  SER n 
1 9  GLU n 
1 10 GLN n 
1 11 LEU n 
1 12 ALA n 
1 13 ARG n 
1 14 LEU n 
1 15 LYS n 
1 16 ARG n 
1 17 GLU n 
1 18 PHE n 
1 19 ASN n 
1 20 GLU n 
1 21 ASN n 
1 22 ARG n 
1 23 TYR n 
1 24 LEU n 
1 25 THR n 
1 26 GLU n 
1 27 ARG n 
1 28 ARG n 
1 29 ARG n 
1 30 GLN n 
1 31 GLN n 
1 32 LEU n 
1 33 SER n 
1 34 SER n 
1 35 GLU n 
1 36 LEU n 
1 37 GLY n 
1 38 LEU n 
1 39 ASN n 
1 40 GLU n 
1 41 ALA n 
1 42 GLN n 
1 43 ILE n 
1 44 LYS n 
1 45 ILE n 
1 46 TRP n 
1 47 PHE n 
1 48 GLN n 
1 49 ASN n 
1 50 LYS n 
1 51 ARG n 
1 52 ALA n 
1 53 LYS n 
1 54 ILE n 
# 
_entity_src_gen.entity_id                          1 
_entity_src_gen.pdbx_src_id                        1 
_entity_src_gen.pdbx_alt_source_flag               sample 
_entity_src_gen.pdbx_seq_type                      ? 
_entity_src_gen.pdbx_beg_seq_num                   ? 
_entity_src_gen.pdbx_end_seq_num                   ? 
_entity_src_gen.gene_src_common_name               'fruit fly' 
_entity_src_gen.gene_src_genus                     Drosophila 
_entity_src_gen.pdbx_gene_src_gene                 ? 
_entity_src_gen.gene_src_species                   ? 
_entity_src_gen.gene_src_strain                    ? 
_entity_src_gen.gene_src_tissue                    ? 
_entity_src_gen.gene_src_tissue_fraction           ? 
_entity_src_gen.gene_src_details                   ? 
_entity_src_gen.pdbx_gene_src_fragment             ? 
_entity_src_gen.pdbx_gene_src_scientific_name      'Drosophila melanogaster' 
_entity_src_gen.pdbx_gene_src_ncbi_taxonomy_id     7227 
_entity_src_gen.pdbx_gene_src_variant              ? 
_entity_src_gen.pdbx_gene_src_cell_line            ? 
_entity_src_gen.pdbx_gene_src_atcc                 ? 
_entity_src_gen.pdbx_gene_src_organ                ? 
_entity_src_gen.pdbx_gene_src_organelle            ? 
_entity_src_gen.pdbx_gene_src_cell                 ? 
_entity_src_gen.pdbx_gene_src_cellular_location    ? 
_entity_src_gen.host_org_common_name               ? 
_entity_src_gen.pdbx_host_org_scientific_name      ? 
_entity_src_gen.pdbx_host_org_ncbi_taxonomy_id     ? 
_entity_src_gen.host_org_genus                     ? 
_entity_src_gen.pdbx_host_org_gene                 ? 
_entity_src_gen.pdbx_host_org_organ                ? 
_entity_src_gen.host_org_species                   ? 
_entity_src_gen.pdbx_host_org_tissue               ? 
_entity_src_gen.pdbx_host_org_tissue_fraction      ? 
_entity_src_gen.pdbx_host_org_strain               ? 
_entity_src_gen.pdbx_host_org_variant              ? 
_entity_src_gen.pdbx_host_org_cell_line            ? 
_entity_src_gen.pdbx_host_org_atcc                 ? 
_entity_src_gen.pdbx_host_org_culture_collection   ? 
_entity_src_gen.pdbx_host_org_cell                 ? 
_entity_src_gen.pdbx_host_org_organelle            ? 
_entity_src_gen.pdbx_host_org_cellular_location    ? 
_entity_src_gen.pdbx_host_org_vector_type          ? 
_entity_src_gen.pdbx_host_org_vector               ? 
_entity_src_gen.host_org_details                   ? 
_entity_src_gen.expression_system_id               ? 
_entity_src_gen.plasmid_name                       ? 
_entity_src_gen.plasmid_details                    ? 
_entity_src_gen.pdbx_description                   ? 
# 
loop_
_chem_comp.id 
_chem_comp.type 
_chem_comp.mon_nstd_flag 
_chem_comp.name 
_chem_comp.pdbx_synonyms 
_chem_comp.formula 
_chem_comp.formula_weight 
ALA 'L-peptide linking' y ALANINE         ? 'C3 H7 N O2'     89.093  
ARG 'L-peptide linking' y ARGININE        ? 'C6 H15 N4 O2 1' 175.209 
ASN 'L-peptide linking' y ASPARAGINE      ? 'C4 H8 N2 O3'    132.118 
GLN 'L-peptide linking' y GLUTAMINE       ? 'C5 H10 N2 O3'   146.144 
GLU 'L-peptide linking' y 'GLUTAMIC ACID' ? 'C5 H9 N O4'     147.129 
GLY 'peptide linking'   y GLYCINE         ? 'C2 H5 N O2'     75.067  
HOH non-polymer         . WATER           ? 'H2 O'           18.015  
ILE 'L-peptide linking' y ISOLEUCINE      ? 'C6 H13 N O2'    131.173 
LEU 'L-peptide linking' y LEUCINE         ? 'C6 H13 N O2'    131.173 
LYS 'L-peptide linking' y LYSINE          ? 'C6 H15 N2 O2 1' 147.195 
PHE 'L-peptide linking' y PHENYLALANINE   ? 'C9 H11 N O2'    165.189 
PRO 'L-peptide linking' y PROLINE         ? 'C5 H9 N O2'     115.130 
SER 'L-peptide linking' y SERINE          ? 'C3 H7 N O3'     105.093 
THR 'L-peptide linking' y THREONINE       ? 'C4 H9 N O3'     119.119 
TRP 'L-peptide linking' y TRYPTOPHAN      ? 'C11 H12 N2 O2'  204.225 
TYR 'L-peptide linking' y TYROSINE        ? 'C9 H11 N O3'    181.189 
# 
loop_
_pdbx_poly_seq_scheme.asym_id 
_pdbx_poly_seq_scheme.entity_id 
_pdbx_poly_seq_scheme.seq_id 
_pdbx_poly_seq_scheme.mon_id 
_pdbx_poly_seq_scheme.ndb_seq_num 
_pdbx_poly_seq_scheme.pdb_seq_num 
_pdbx_poly_seq_scheme.auth_seq_num 
_pdbx_poly_seq_scheme.pdb_mon_id 
_pdbx_poly_seq_scheme.auth_mon_id 
_pdbx_poly_seq_scheme.pdb_strand_id 
_pdbx_poly_seq_scheme.pdb_ins_code 
_pdbx_poly_seq_scheme.hetero 
A 1 1  ARG 1  3  3  ARG ARG A . n 
A 1 2  PRO 2  4  4  PRO PRO A . n 
A 1 3  ARG 3  5  5  ARG ARG A . n 
A 1 4  THR 4  6  6  THR THR A . n 
A 1 5  ALA 5  7  7  ALA ALA A . n 
A 1 6  PHE 6  8  8  PHE PHE A . n 
A 1 7  SER 7  9  9  SER SER A . n 
A 1 8  SER 8  10 10 SER SER A . n 
A 1 9  GLU 9  11 11 GLU GLU A . n 
A 1 10 GLN 10 12 12 GLN GLN A . n 
A 1 11 LEU 11 13 13 LEU LEU A . n 
A 1 12 ALA 12 14 14 ALA ALA A . n 
A 1 13 ARG 13 15 15 ARG ARG A . n 
A 1 14 LEU 14 16 16 LEU LEU A . n 
A 1 15 LYS 15 17 17 LYS LYS A . n 
A 1 16 ARG 16 18 18 ARG ARG A . n 
A 1 17 GLU 17 19 19 GLU GLU A . n 
A 1 18 PHE 18 20 20 PHE PHE A . n 
A 1 19 ASN 19 21 21 ASN ASN A . n 
A 1 20 GLU 20 22 22 GLU GLU A . n 
A 1 21 ASN 21 23 23 ASN ASN A . n 
A 1 22 ARG 22 24 24 ARG ARG A . n 
A 1 23 TYR 23 25 25 TYR TYR A . n 
A 1 24 LEU 24 26 26 LEU LEU A . n 
A 1 25 THR 25 27 27 THR THR A . n 
A 1 26 GLU 26 28 28 GLU GLU A . n 
A 1 27 ARG 27 29 29 ARG ARG A . n 
A 1 28 ARG 28 30 30 ARG ARG A . n 
A 1 29 ARG 29 31 31 ARG ARG A . n 
A 1 30 GLN 30 32 32 GLN GLN A . n 
A 1 31 GLN 31 33 33 GLN GLN A . n 
A 1 32 LEU 32 34 34 LEU LEU A . n 
A 1 33 SER 33 35 35 SER SER A . n 
A 1 34 SER 34 36 36 SER SER A . n 
A 1 35 GLU 35 37 37 GLU GLU A . n 
A 1 36 LEU 36 38 38 LEU LEU A . n 
A 1 37 GLY 37 39 39 GLY GLY A . n 
A 1 38 LEU 38 40 40 LEU LEU A . n 
A 1 39 ASN 39 41 41 ASN ASN A . n 
A 1 40 GLU 40 42 42 GLU GLU A . n 
A 1 41 ALA 41 43 43 ALA ALA A . n 
A 1 42 GLN 42 44 44 GLN GLN A . n 
A 1 43 ILE 43 45 45 ILE ILE A . n 
A 1 44 LYS 44 46 46 LYS LYS A . n 
A 1 45 ILE 45 47 47 ILE ILE A . n 
A 1 46 TRP 46 48 48 TRP TRP A . n 
A 1 47 PHE 47 49 49 PHE PHE A . n 
A 1 48 GLN 48 50 50 GLN GLN A . n 
A 1 49 ASN 49 51 51 ASN ASN A . n 
A 1 50 LYS 50 52 52 LYS LYS A . n 
A 1 51 ARG 51 53 53 ARG ARG A . n 
A 1 52 ALA 52 54 54 ALA ALA A . n 
A 1 53 LYS 53 55 55 LYS LYS A . n 
A 1 54 ILE 54 56 56 ILE ILE A . n 
# 
loop_
_pdbx_nonpoly_scheme.asym_id 
_pdbx_nonpoly_scheme.entity_id 
_pdbx_nonpoly_scheme.mon_id 
_pdbx_nonpoly_scheme.ndb_seq_num 
_pdbx_nonpoly_scheme.pdb_seq_num 
_pdbx_nonpoly_scheme.auth_seq_num 
_pdbx_nonpoly_scheme.pdb_mon_id 
_pdbx_nonpoly_scheme.auth_mon_id 
_pdbx_nonpoly_scheme.pdb_strand_id 
_pdbx_nonpoly_scheme.pdb_ins_code 
B 2 HOH 1  100 100 HOH HOH A . 
B 2 HOH 2  101 101 HOH HOH A . 
B 2 HOH 3  102 102 HOH HOH A . 
B 2 HOH 4  103 103 HOH HOH A . 
B 2 HOH 5  104 104 HOH HOH A . 
B 2 HOH 6  105 105 HOH HOH A . 
B 2 HOH 7  106 106 HOH HOH A . 
B 2 HOH 8  107 107 HOH HOH A . 
B 2 HOH 9  108 108 HOH HOH A . 
B 2 HOH 10 110 110 HOH HOH A . 
B 2 HOH 11 111 111 HOH HOH A . 
B 2 HOH 12 112 112 HOH HOH A . 
B 2 HOH 13 113 113 HOH HOH A . 
B 2 HOH 14 115 115 HOH HOH A . 
B 2 HOH 15 116 116 HOH HOH A . 
B 2 HOH 16 117 117 HOH HOH A . 
B 2 HOH 17 118 118 HOH HOH A . 
B 2 HOH 18 119 119 HOH HOH A . 
B 2 HOH 19 120 120 HOH HOH A . 
B 2 HOH 20 121 121 HOH HOH A . 
B 2 HOH 21 122 122 HOH HOH A . 
B 2 HOH 22 123 123 HOH HOH A . 
B 2 HOH 23 124 124 HOH HOH A . 
B 2 HOH 24 125 125 HOH HOH A . 
B 2 HOH 25 126 126 HOH HOH A . 
B 2 HOH 26 127 127 HOH HOH A . 
B 2 HOH 27 128 128 HOH HOH A . 
B 2 HOH 28 129 129 HOH HOH A . 
B 2 HOH 29 130 130 HOH HOH A . 
B 2 HOH 30 131 131 HOH HOH A . 
B 2 HOH 31 133 133 HOH HOH A . 
B 2 HOH 32 134 134 HOH HOH A . 
B 2 HOH 33 135 135 HOH HOH A . 
# 
loop_
_software.name 
_software.classification 
_software.version 
_software.citation_id 
_software.pdbx_ordinal 
X-PLOR 'model building' . ? 1 
X-PLOR refinement       . ? 2 
X-PLOR phasing          . ? 3 
# 
_cell.entry_id           1ENH 
_cell.length_a           44.670 
_cell.length_b           44.670 
_cell.length_c           118.120 
_cell.angle_alpha        90.00 
_cell.angle_beta         90.00 
_cell.angle_gamma        120.00 
_cell.Z_PDB              12 
_cell.pdbx_unique_axis   ? 
# 
_symmetry.entry_id                         1ENH 
_symmetry.space_group_name_H-M             'P 65 2 2' 
_symmetry.pdbx_full_space_group_name_H-M   ? 
_symmetry.cell_setting                     ? 
_symmetry.Int_Tables_number                179 
# 
_exptl.entry_id          1ENH 
_exptl.method            'X-RAY DIFFRACTION' 
_exptl.crystals_number   ? 
# 
_exptl_crystal.id                    1 
_exptl_crystal.density_meas          ? 
_exptl_crystal.density_Matthews      2.57 
_exptl_crystal.density_percent_sol   52.13 
_exptl_crystal.description           ? 
# 
_diffrn.id                     1 
_diffrn.ambient_temp           ? 
_diffrn.ambient_temp_details   ? 
_diffrn.crystal_id             1 
# 
_diffrn_radiation.diffrn_id                        1 
_diffrn_radiation.wavelength_id                    1 
_diffrn_radiation.pdbx_monochromatic_or_laue_m_l   ? 
_diffrn_radiation.monochromator                    ? 
_diffrn_radiation.pdbx_diffrn_protocol             ? 
_diffrn_radiation.pdbx_scattering_type             x-ray 
# 
_diffrn_radiation_wavelength.id           1 
_diffrn_radiation_wavelength.wavelength   . 
_diffrn_radiation_wavelength.wt           1.0 
# 
_refine.entry_id                                 1ENH 
_refine.ls_number_reflns_obs                     4060 
_refine.ls_number_reflns_all                     ? 
_refine.pdbx_ls_sigma_I                          ? 
_refine.pdbx_ls_sigma_F                          2.0 
_refine.pdbx_data_cutoff_high_absF               ? 
_refine.pdbx_data_cutoff_low_absF                ? 
_refine.pdbx_data_cutoff_high_rms_absF           ? 
_refine.ls_d_res_low                             8.0 
_refine.ls_d_res_high                            2.10 
_refine.ls_percent_reflns_obs                    ? 
_refine.ls_R_factor_obs                          0.1970000 
_refine.ls_R_factor_all                          ? 
_refine.ls_R_factor_R_work                       0.1970000 
_refine.ls_R_factor_R_free                       ? 
_refine.ls_R_factor_R_free_error                 ? 
_refine.ls_R_factor_R_free_error_details         ? 
_refine.ls_percent_reflns_R_free                 ? 
_refine.ls_number_reflns_R_free                  ? 
_refine.ls_number_parameters                     ? 
_refine.ls_number_restraints                     ? 
_refine.occupancy_min                            ? 
_refine.occupancy_max                            ? 
_refine.B_iso_mean                               ? 
_refine.aniso_B[1][1]                            ? 
_refine.aniso_B[2][2]                            ? 
_refine.aniso_B[3][3]                            ? 
_refine.aniso_B[1][2]                            ? 
_refine.aniso_B[1][3]                            ? 
_refine.aniso_B[2][3]                            ? 
_refine.solvent_model_details                    ? 
_refine.solvent_model_param_ksol                 ? 
_refine.solvent_model_param_bsol                 ? 
_refine.pdbx_ls_cross_valid_method               ? 
_refine.details                                  ? 
_refine.pdbx_starting_model                      ? 
_refine.pdbx_method_to_determine_struct          ? 
_refine.pdbx_isotropic_thermal_model             ? 
_refine.pdbx_stereochemistry_target_values       ? 
_refine.pdbx_stereochem_target_val_spec_case     ? 
_refine.pdbx_R_Free_selection_details            ? 
_refine.pdbx_overall_ESU_R                       ? 
_refine.pdbx_overall_ESU_R_Free                  ? 
_refine.overall_SU_ML                            ? 
_refine.overall_SU_B                             ? 
_refine.pdbx_refine_id                           'X-RAY DIFFRACTION' 
_refine.pdbx_diffrn_id                           1 
_refine.pdbx_TLS_residual_ADP_flag               ? 
_refine.correlation_coeff_Fo_to_Fc               ? 
_refine.correlation_coeff_Fo_to_Fc_free          ? 
_refine.pdbx_solvent_vdw_probe_radii             ? 
_refine.pdbx_solvent_ion_probe_radii             ? 
_refine.pdbx_solvent_shrinkage_radii             ? 
_refine.pdbx_overall_phase_error                 ? 
_refine.overall_SU_R_Cruickshank_DPI             ? 
_refine.pdbx_overall_SU_R_free_Cruickshank_DPI   ? 
_refine.pdbx_overall_SU_R_Blow_DPI               ? 
_refine.pdbx_overall_SU_R_free_Blow_DPI          ? 
# 
_refine_hist.pdbx_refine_id                   'X-RAY DIFFRACTION' 
_refine_hist.cycle_id                         LAST 
_refine_hist.pdbx_number_atoms_protein        466 
_refine_hist.pdbx_number_atoms_nucleic_acid   0 
_refine_hist.pdbx_number_atoms_ligand         0 
_refine_hist.number_atoms_solvent             33 
_refine_hist.number_atoms_total               499 
_refine_hist.d_res_high                       2.10 
_refine_hist.d_res_low                        8.0 
# 
loop_
_refine_ls_restr.type 
_refine_ls_restr.dev_ideal 
_refine_ls_restr.dev_ideal_target 
_refine_ls_restr.weight 
_refine_ls_restr.number 
_refine_ls_restr.pdbx_refine_id 
_refine_ls_restr.pdbx_restraint_function 
x_bond_d                0.013 ? ? ? 'X-RAY DIFFRACTION' ? 
x_bond_d_na             ?     ? ? ? 'X-RAY DIFFRACTION' ? 
x_bond_d_prot           ?     ? ? ? 'X-RAY DIFFRACTION' ? 
x_angle_d               ?     ? ? ? 'X-RAY DIFFRACTION' ? 
x_angle_d_na            ?     ? ? ? 'X-RAY DIFFRACTION' ? 
x_angle_d_prot          ?     ? ? ? 'X-RAY DIFFRACTION' ? 
x_angle_deg             1.09  ? ? ? 'X-RAY DIFFRACTION' ? 
x_angle_deg_na          ?     ? ? ? 'X-RAY DIFFRACTION' ? 
x_angle_deg_prot        ?     ? ? ? 'X-RAY DIFFRACTION' ? 
x_dihedral_angle_d      ?     ? ? ? 'X-RAY DIFFRACTION' ? 
x_dihedral_angle_d_na   ?     ? ? ? 'X-RAY DIFFRACTION' ? 
x_dihedral_angle_d_prot ?     ? ? ? 'X-RAY DIFFRACTION' ? 
x_improper_angle_d      ?     ? ? ? 'X-RAY DIFFRACTION' ? 
x_improper_angle_d_na   ?     ? ? ? 'X-RAY DIFFRACTION' ? 
x_improper_angle_d_prot ?     ? ? ? 'X-RAY DIFFRACTION' ? 
x_mcbond_it             ?     ? ? ? 'X-RAY DIFFRACTION' ? 
x_mcangle_it            ?     ? ? ? 'X-RAY DIFFRACTION' ? 
x_scbond_it             ?     ? ? ? 'X-RAY DIFFRACTION' ? 
x_scangle_it            ?     ? ? ? 'X-RAY DIFFRACTION' ? 
# 
_struct.entry_id                  1ENH 
_struct.title                     'STRUCTURAL STUDIES OF THE ENGRAILED HOMEODOMAIN' 
_struct.pdbx_model_details        ? 
_struct.pdbx_CASP_flag            ? 
_struct.pdbx_model_type_details   ? 
# 
_struct_keywords.entry_id        1ENH 
_struct_keywords.pdbx_keywords   'DNA BINDING PROTEIN' 
_struct_keywords.text            'DNA-BINDING PROTEIN, DNA BINDING PROTEIN' 
# 
loop_
_struct_asym.id 
_struct_asym.pdbx_blank_PDB_chainid_flag 
_struct_asym.pdbx_modified 
_struct_asym.entity_id 
_struct_asym.details 
A N N 1 ? 
B N N 2 ? 
# 
_struct_ref.id                         1 
_struct_ref.db_name                    UNP 
_struct_ref.db_code                    HMEN_DROME 
_struct_ref.entity_id                  1 
_struct_ref.pdbx_db_accession          P02836 
_struct_ref.pdbx_align_begin           1 
_struct_ref.pdbx_seq_one_letter_code   
;MALEDRCSPQSAPSPITLQMQHLHHQQQQQQQQQQQMQHLHQLQQLQQLHQQQLAAGVFHHPAMAFDAAAAAAAAAAAAA
AHAHAAALQQRLSGSGSPASCSTPASSTPLTIKEEESDSVIGDMSFHNQTHTTNEEEEAEEDDDIDVDVDDTSAGGRLPP
PAHQQQSTAKPSLAFSISNILSDRFGDVQKPGKSIENQASIFRPFEANRSQTATPSAFTRVDLLEFSRQQQAAAAAATAA
MMLERANFLNCFNPAAYPRIHEEIVQSRLRRSAANAVIPPPMSSKMSDANPEKSALGSLCKAVSQIGQPAAPTMTQPPLS
SSASSLASPPPASNASTISSTSSVATSSSSSSSGCSSAASSLNSSPSSRLGASGSGVNASSPQPQPIPPPSAVSRDSGME
SSDDTRSETGSTTTEGGKNEMWPAWVYCTRYSDRPSSGPRYRRPKQPKDKTNDEKRPRTAFSSEQLARLKREFNENRYLT
ERRRQQLSSELGLNEAQIKIWFQNKRAKIKKSTGSKNPLALQLMAQGLYNHTTVPLTKEEEELEMRMNGQIP
;
_struct_ref.pdbx_db_isoform            ? 
# 
_struct_ref_seq.align_id                      1 
_struct_ref_seq.ref_id                        1 
_struct_ref_seq.pdbx_PDB_id_code              1ENH 
_struct_ref_seq.pdbx_strand_id                A 
_struct_ref_seq.seq_align_beg                 1 
_struct_ref_seq.pdbx_seq_align_beg_ins_code   ? 
_struct_ref_seq.seq_align_end                 54 
_struct_ref_seq.pdbx_seq_align_end_ins_code   ? 
_struct_ref_seq.pdbx_db_accession             P02836 
_struct_ref_seq.db_align_beg                  456 
_struct_ref_seq.pdbx_db_align_beg_ins_code    ? 
_struct_ref_seq.db_align_end                  509 
_struct_ref_seq.pdbx_db_align_end_ins_code    ? 
_struct_ref_seq.pdbx_auth_seq_align_beg       3 
_struct_ref_seq.pdbx_auth_seq_align_end       56 
# 
_pdbx_struct_assembly.id                   1 
_pdbx_struct_assembly.details              author_defined_assembly 
_pdbx_struct_assembly.method_details       ? 
_pdbx_struct_assembly.oligomeric_details   monomeric 
_pdbx_struct_assembly.oligomeric_count     1 
# 
_pdbx_struct_assembly_gen.assembly_id       1 
_pdbx_struct_assembly_gen.oper_expression   1 
_pdbx_struct_assembly_gen.asym_id_list      A,B 
# 
_pdbx_struct_oper_list.id                   1 
_pdbx_struct_oper_list.type                 'identity operation' 
_pdbx_struct_oper_list.name                 1_555 
_pdbx_struct_oper_list.symmetry_operation   x,y,z 
_pdbx_struct_oper_list.matrix[1][1]         1.0000000000 
_pdbx_struct_oper_list.matrix[1][2]         0.0000000000 
_pdbx_struct_oper_list.matrix[1][3]         0.0000000000 
_pdbx_struct_oper_list.vector[1]            0.0000000000 
_pdbx_struct_oper_list.matrix[2][1]         0.0000000000 
_pdbx_struct_oper_list.matrix[2][2]         1.0000000000 
_pdbx_struct_oper_list.matrix[2][3]         0.0000000000 
_pdbx_struct_oper_list.vector[2]            0.0000000000 
_pdbx_struct_oper_list.matrix[3][1]         0.0000000000 
_pdbx_struct_oper_list.matrix[3][2]         0.0000000000 
_pdbx_struct_oper_list.matrix[3][3]         1.0000000000 
_pdbx_struct_oper_list.vector[3]            0.0000000000 
# 
_struct_biol.id   1 
# 
loop_
_struct_conf.conf_type_id 
_struct_conf.id 
_struct_conf.pdbx_PDB_helix_id 
_struct_conf.beg_label_comp_id 
_struct_conf.beg_label_asym_id 
_struct_conf.beg_label_seq_id 
_struct_conf.pdbx_beg_PDB_ins_code 
_struct_conf.end_label_comp_id 
_struct_conf.end_label_asym_id 
_struct_conf.end_label_seq_id 
_struct_conf.pdbx_end_PDB_ins_code 
_struct_conf.beg_auth_comp_id 
_struct_conf.beg_auth_asym_id 
_struct_conf.beg_auth_seq_id 
_struct_conf.end_auth_comp_id 
_struct_conf.end_auth_asym_id 
_struct_conf.end_auth_seq_id 
_struct_conf.pdbx_PDB_helix_class 
_struct_conf.details 
_struct_conf.pdbx_PDB_helix_length 
HELX_P HELX_P1 1 SER A 8  ? GLU A 20 ? SER A 10 GLU A 22 1 ? 13 
HELX_P HELX_P2 2 GLU A 26 ? GLU A 35 ? GLU A 28 GLU A 37 1 ? 10 
HELX_P HELX_P3 3 GLU A 40 ? ILE A 54 ? GLU A 42 ILE A 56 1 ? 15 
# 
_struct_conf_type.id          HELX_P 
_struct_conf_type.criteria    ? 
_struct_conf_type.reference   ? 
# 
loop_
_chem_comp_atom.comp_id 
_chem_comp_atom.atom_id 
_chem_comp_atom.type_symbol 
_chem_comp_atom.pdbx_aromatic_flag 
_chem_comp_atom.pdbx_stereo_config 
_chem_comp_atom.pdbx_ordinal 
ALA N    N N N 1   
ALA CA   C N S 2   
ALA C    C N N 3   
ALA O    O N N 4   
ALA CB   C N N 5   
ALA OXT  O N N 6   
ALA H    H N N 7   
ALA H2   H N N 8   
ALA HA   H N N 9   
ALA HB1  H N N 10  
ALA HB2  H N N 11  
ALA HB3  H N N 12  
ALA HXT  H N N 13  
ARG N    N N N 14  
ARG CA   C N S 15  
ARG C    C N N 16  
ARG O    O N N 17  
ARG CB   C N N 18  
ARG CG   C N N 19  
ARG CD   C N N 20  
ARG NE   N N N 21  
ARG CZ   C N N 22  
ARG NH1  N N N 23  
ARG NH2  N N N 24  
ARG OXT  O N N 25  
ARG H    H N N 26  
ARG H2   H N N 27  
ARG HA   H N N 28  
ARG HB2  H N N 29  
ARG HB3  H N N 30  
ARG HG2  H N N 31  
ARG HG3  H N N 32  
ARG HD2  H N N 33  
ARG HD3  H N N 34  
ARG HE   H N N 35  
ARG HH11 H N N 36  
ARG HH12 H N N 37  
ARG HH21 H N N 38  
ARG HH22 H N N 39  
ARG HXT  H N N 40  
ASN N    N N N 41  
ASN CA   C N S 42  
ASN C    C N N 43  
ASN O    O N N 44  
ASN CB   C N N 45  
ASN CG   C N N 46  
ASN OD1  O N N 47  
ASN ND2  N N N 48  
ASN OXT  O N N 49  
ASN H    H N N 50  
ASN H2   H N N 51  
ASN HA   H N N 52  
ASN HB2  H N N 53  
ASN HB3  H N N 54  
ASN HD21 H N N 55  
ASN HD22 H N N 56  
ASN HXT  H N N 57  
GLN N    N N N 58  
GLN CA   C N S 59  
GLN C    C N N 60  
GLN O    O N N 61  
GLN CB   C N N 62  
GLN CG   C N N 63  
GLN CD   C N N 64  
GLN OE1  O N N 65  
GLN NE2  N N N 66  
GLN OXT  O N N 67  
GLN H    H N N 68  
GLN H2   H N N 69  
GLN HA   H N N 70  
GLN HB2  H N N 71  
GLN HB3  H N N 72  
GLN HG2  H N N 73  
GLN HG3  H N N 74  
GLN HE21 H N N 75  
GLN HE22 H N N 76  
GLN HXT  H N N 77  
GLU N    N N N 78  
GLU CA   C N S 79  
GLU C    C N N 80  
GLU O    O N N 81  
GLU CB   C N N 82  
GLU CG   C N N 83  
GLU CD   C N N 84  
GLU OE1  O N N 85  
GLU OE2  O N N 86  
GLU OXT  O N N 87  
GLU H    H N N 88  
GLU H2   H N N 89  
GLU HA   H N N 90  
GLU HB2  H N N 91  
GLU HB3  H N N 92  
GLU HG2  H N N 93  
GLU HG3  H N N 94  
GLU HE2  H N N 95  
GLU HXT  H N N 96  
GLY N    N N N 97  
GLY CA   C N N 98  
GLY C    C N N 99  
GLY O    O N N 100 
GLY OXT  O N N 101 
GLY H    H N N 102 
GLY H2   H N N 103 
GLY HA2  H N N 104 
GLY HA3  H N N 105 
GLY HXT  H N N 106 
HOH O    O N N 107 
HOH H1   H N N 108 
HOH H2   H N N 109 
ILE N    N N N 110 
ILE CA   C N S 111 
ILE C    C N N 112 
ILE O    O N N 113 
ILE CB   C N S 114 
ILE CG1  C N N 115 
ILE CG2  C N N 116 
ILE CD1  C N N 117 
ILE OXT  O N N 118 
ILE H    H N N 119 
ILE H2   H N N 120 
ILE HA   H N N 121 
ILE HB   H N N 122 
ILE HG12 H N N 123 
ILE HG13 H N N 124 
ILE HG21 H N N 125 
ILE HG22 H N N 126 
ILE HG23 H N N 127 
ILE HD11 H N N 128 
ILE HD12 H N N 129 
ILE HD13 H N N 130 
ILE HXT  H N N 131 
LEU N    N N N 132 
LEU CA   C N S 133 
LEU C    C N N 134 
LEU O    O N N 135 
LEU CB   C N N 136 
LEU CG   C N N 137 
LEU CD1  C N N 138 
LEU CD2  C N N 139 
LEU OXT  O N N 140 
LEU H    H N N 141 
LEU H2   H N N 142 
LEU HA   H N N 143 
LEU HB2  H N N 144 
LEU HB3  H N N 145 
LEU HG   H N N 146 
LEU HD11 H N N 147 
LEU HD12 H N N 148 
LEU HD13 H N N 149 
LEU HD21 H N N 150 
LEU HD22 H N N 151 
LEU HD23 H N N 152 
LEU HXT  H N N 153 
LYS N    N N N 154 
LYS CA   C N S 155 
LYS C    C N N 156 
LYS O    O N N 157 
LYS CB   C N N 158 
LYS CG   C N N 159 
LYS CD   C N N 160 
LYS CE   C N N 161 
LYS NZ   N N N 162 
LYS OXT  O N N 163 
LYS H    H N N 164 
LYS H2   H N N 165 
LYS HA   H N N 166 
LYS HB2  H N N 167 
LYS HB3  H N N 168 
LYS HG2  H N N 169 
LYS HG3  H N N 170 
LYS HD2  H N N 171 
LYS HD3  H N N 172 
LYS HE2  H N N 173 
LYS HE3  H N N 174 
LYS HZ1  H N N 175 
LYS HZ2  H N N 176 
LYS HZ3  H N N 177 
LYS HXT  H N N 178 
PHE N    N N N 179 
PHE CA   C N S 180 
PHE C    C N N 181 
PHE O    O N N 182 
PHE CB   C N N 183 
PHE CG   C Y N 184 
PHE CD1  C Y N 185 
PHE CD2  C Y N 186 
PHE CE1  C Y N 187 
PHE CE2  C Y N 188 
PHE CZ   C Y N 189 
PHE OXT  O N N 190 
PHE H    H N N 191 
PHE H2   H N N 192 
PHE HA   H N N 193 
PHE HB2  H N N 194 
PHE HB3  H N N 195 
PHE HD1  H N N 196 
PHE HD2  H N N 197 
PHE HE1  H N N 198 
PHE HE2  H N N 199 
PHE HZ   H N N 200 
PHE HXT  H N N 201 
PRO N    N N N 202 
PRO CA   C N S 203 
PRO C    C N N 204 
PRO O    O N N 205 
PRO CB   C N N 206 
PRO CG   C N N 207 
PRO CD   C N N 208 
PRO OXT  O N N 209 
PRO H    H N N 210 
PRO HA   H N N 211 
PRO HB2  H N N 212 
PRO HB3  H N N 213 
PRO HG2  H N N 214 
PRO HG3  H N N 215 
PRO HD2  H N N 216 
PRO HD3  H N N 217 
PRO HXT  H N N 218 
SER N    N N N 219 
SER CA   C N S 220 
SER C    C N N 221 
SER O    O N N 222 
SER CB   C N N 223 
SER OG   O N N 224 
SER OXT  O N N 225 
SER H    H N N 226 
SER H2   H N N 227 
SER HA   H N N 228 
SER HB2  H N N 229 
SER HB3  H N N 230 
SER HG   H N N 231 
SER HXT  H N N 232 
THR N    N N N 233 
THR CA   C N S 234 
THR C    C N N 235 
THR O    O N N 236 
THR CB   C N R 237 
THR OG1  O N N 238 
THR CG2  C N N 239 
THR OXT  O N N 240 
THR H    H N N 241 
THR H2   H N N 242 
THR HA   H N N 243 
THR HB   H N N 244 
THR HG1  H N N 245 
THR HG21 H N N 246 
THR HG22 H N N 247 
THR HG23 H N N 248 
THR HXT  H N N 249 
TRP N    N N N 250 
TRP CA   C N S 251 
TRP C    C N N 252 
TRP O    O N N 253 
TRP CB   C N N 254 
TRP CG   C Y N 255 
TRP CD1  C Y N 256 
TRP CD2  C Y N 257 
TRP NE1  N Y N 258 
TRP CE2  C Y N 259 
TRP CE3  C Y N 260 
TRP CZ2  C Y N 261 
TRP CZ3  C Y N 262 
TRP CH2  C Y N 263 
TRP OXT  O N N 264 
TRP H    H N N 265 
TRP H2   H N N 266 
TRP HA   H N N 267 
TRP HB2  H N N 268 
TRP HB3  H N N 269 
TRP HD1  H N N 270 
TRP HE1  H N N 271 
TRP HE3  H N N 272 
TRP HZ2  H N N 273 
TRP HZ3  H N N 274 
TRP HH2  H N N 275 
TRP HXT  H N N 276 
TYR N    N N N 277 
TYR CA   C N S 278 
TYR C    C N N 279 
TYR O    O N N 280 
TYR CB   C N N 281 
TYR CG   C Y N 282 
TYR CD1  C Y N 283 
TYR CD2  C Y N 284 
TYR CE1  C Y N 285 
TYR CE2  C Y N 286 
TYR CZ   C Y N 287 
TYR OH   O N N 288 
TYR OXT  O N N 289 
TYR H    H N N 290 
TYR H2   H N N 291 
TYR HA   H N N 292 
TYR HB2  H N N 293 
TYR HB3  H N N 294 
TYR HD1  H N N 295 
TYR HD2  H N N 296 
TYR HE1  H N N 297 
TYR HE2  H N N 298 
TYR HH   H N N 299 
TYR HXT  H N N 300 
# 
loop_
_chem_comp_bond.comp_id 
_chem_comp_bond.atom_id_1 
_chem_comp_bond.atom_id_2 
_chem_comp_bond.value_order 
_chem_comp_bond.pdbx_aromatic_flag 
_chem_comp_bond.pdbx_stereo_config 
_chem_comp_bond.pdbx_ordinal 
ALA N   CA   sing N N 1   
ALA N   H    sing N N 2   
ALA N   H2   sing N N 3   
ALA CA  C    sing N N 4   
ALA CA  CB   sing N N 5   
ALA CA  HA   sing N N 6   
ALA C   O    doub N N 7   
ALA C   OXT  sing N N 8   
ALA CB  HB1  sing N N 9   
ALA CB  HB2  sing N N 10  
ALA CB  HB3  sing N N 11  
ALA OXT HXT  sing N N 12  
ARG N   CA   sing N N 13  
ARG N   H    sing N N 14  
ARG N   H2   sing N N 15  
ARG CA  C    sing N N 16  
ARG CA  CB   sing N N 17  
ARG CA  HA   sing N N 18  
ARG C   O    doub N N 19  
ARG C   OXT  sing N N 20  
ARG CB  CG   sing N N 21  
ARG CB  HB2  sing N N 22  
ARG CB  HB3  sing N N 23  
ARG CG  CD   sing N N 24  
ARG CG  HG2  sing N N 25  
ARG CG  HG3  sing N N 26  
ARG CD  NE   sing N N 27  
ARG CD  HD2  sing N N 28  
ARG CD  HD3  sing N N 29  
ARG NE  CZ   sing N N 30  
ARG NE  HE   sing N N 31  
ARG CZ  NH1  sing N N 32  
ARG CZ  NH2  doub N N 33  
ARG NH1 HH11 sing N N 34  
ARG NH1 HH12 sing N N 35  
ARG NH2 HH21 sing N N 36  
ARG NH2 HH22 sing N N 37  
ARG OXT HXT  sing N N 38  
ASN N   CA   sing N N 39  
ASN N   H    sing N N 40  
ASN N   H2   sing N N 41  
ASN CA  C    sing N N 42  
ASN CA  CB   sing N N 43  
ASN CA  HA   sing N N 44  
ASN C   O    doub N N 45  
ASN C   OXT  sing N N 46  
ASN CB  CG   sing N N 47  
ASN CB  HB2  sing N N 48  
ASN CB  HB3  sing N N 49  
ASN CG  OD1  doub N N 50  
ASN CG  ND2  sing N N 51  
ASN ND2 HD21 sing N N 52  
ASN ND2 HD22 sing N N 53  
ASN OXT HXT  sing N N 54  
GLN N   CA   sing N N 55  
GLN N   H    sing N N 56  
GLN N   H2   sing N N 57  
GLN CA  C    sing N N 58  
GLN CA  CB   sing N N 59  
GLN CA  HA   sing N N 60  
GLN C   O    doub N N 61  
GLN C   OXT  sing N N 62  
GLN CB  CG   sing N N 63  
GLN CB  HB2  sing N N 64  
GLN CB  HB3  sing N N 65  
GLN CG  CD   sing N N 66  
GLN CG  HG2  sing N N 67  
GLN CG  HG3  sing N N 68  
GLN CD  OE1  doub N N 69  
GLN CD  NE2  sing N N 70  
GLN NE2 HE21 sing N N 71  
GLN NE2 HE22 sing N N 72  
GLN OXT HXT  sing N N 73  
GLU N   CA   sing N N 74  
GLU N   H    sing N N 75  
GLU N   H2   sing N N 76  
GLU CA  C    sing N N 77  
GLU CA  CB   sing N N 78  
GLU CA  HA   sing N N 79  
GLU C   O    doub N N 80  
GLU C   OXT  sing N N 81  
GLU CB  CG   sing N N 82  
GLU CB  HB2  sing N N 83  
GLU CB  HB3  sing N N 84  
GLU CG  CD   sing N N 85  
GLU CG  HG2  sing N N 86  
GLU CG  HG3  sing N N 87  
GLU CD  OE1  doub N N 88  
GLU CD  OE2  sing N N 89  
GLU OE2 HE2  sing N N 90  
GLU OXT HXT  sing N N 91  
GLY N   CA   sing N N 92  
GLY N   H    sing N N 93  
GLY N   H2   sing N N 94  
GLY CA  C    sing N N 95  
GLY CA  HA2  sing N N 96  
GLY CA  HA3  sing N N 97  
GLY C   O    doub N N 98  
GLY C   OXT  sing N N 99  
GLY OXT HXT  sing N N 100 
HOH O   H1   sing N N 101 
HOH O   H2   sing N N 102 
ILE N   CA   sing N N 103 
ILE N   H    sing N N 104 
ILE N   H2   sing N N 105 
ILE CA  C    sing N N 106 
ILE CA  CB   sing N N 107 
ILE CA  HA   sing N N 108 
ILE C   O    doub N N 109 
ILE C   OXT  sing N N 110 
ILE CB  CG1  sing N N 111 
ILE CB  CG2  sing N N 112 
ILE CB  HB   sing N N 113 
ILE CG1 CD1  sing N N 114 
ILE CG1 HG12 sing N N 115 
ILE CG1 HG13 sing N N 116 
ILE CG2 HG21 sing N N 117 
ILE CG2 HG22 sing N N 118 
ILE CG2 HG23 sing N N 119 
ILE CD1 HD11 sing N N 120 
ILE CD1 HD12 sing N N 121 
ILE CD1 HD13 sing N N 122 
ILE OXT HXT  sing N N 123 
LEU N   CA   sing N N 124 
LEU N   H    sing N N 125 
LEU N   H2   sing N N 126 
LEU CA  C    sing N N 127 
LEU CA  CB   sing N N 128 
LEU CA  HA   sing N N 129 
LEU C   O    doub N N 130 
LEU C   OXT  sing N N 131 
LEU CB  CG   sing N N 132 
LEU CB  HB2  sing N N 133 
LEU CB  HB3  sing N N 134 
LEU CG  CD1  sing N N 135 
LEU CG  CD2  sing N N 136 
LEU CG  HG   sing N N 137 
LEU CD1 HD11 sing N N 138 
LEU CD1 HD12 sing N N 139 
LEU CD1 HD13 sing N N 140 
LEU CD2 HD21 sing N N 141 
LEU CD2 HD22 sing N N 142 
LEU CD2 HD23 sing N N 143 
LEU OXT HXT  sing N N 144 
LYS N   CA   sing N N 145 
LYS N   H    sing N N 146 
LYS N   H2   sing N N 147 
LYS CA  C    sing N N 148 
LYS CA  CB   sing N N 149 
LYS CA  HA   sing N N 150 
LYS C   O    doub N N 151 
LYS C   OXT  sing N N 152 
LYS CB  CG   sing N N 153 
LYS CB  HB2  sing N N 154 
LYS CB  HB3  sing N N 155 
LYS CG  CD   sing N N 156 
LYS CG  HG2  sing N N 157 
LYS CG  HG3  sing N N 158 
LYS CD  CE   sing N N 159 
LYS CD  HD2  sing N N 160 
LYS CD  HD3  sing N N 161 
LYS CE  NZ   sing N N 162 
LYS CE  HE2  sing N N 163 
LYS CE  HE3  sing N N 164 
LYS NZ  HZ1  sing N N 165 
LYS NZ  HZ2  sing N N 166 
LYS NZ  HZ3  sing N N 167 
LYS OXT HXT  sing N N 168 
PHE N   CA   sing N N 169 
PHE N   H    sing N N 170 
PHE N   H2   sing N N 171 
PHE CA  C    sing N N 172 
PHE CA  CB   sing N N 173 
PHE CA  HA   sing N N 174 
PHE C   O    doub N N 175 
PHE C   OXT  sing N N 176 
PHE CB  CG   sing N N 177 
PHE CB  HB2  sing N N 178 
PHE CB  HB3  sing N N 179 
PHE CG  CD1  doub Y N 180 
PHE CG  CD2  sing Y N 181 
PHE CD1 CE1  sing Y N 182 
PHE CD1 HD1  sing N N 183 
PHE CD2 CE2  doub Y N 184 
PHE CD2 HD2  sing N N 185 
PHE CE1 CZ   doub Y N 186 
PHE CE1 HE1  sing N N 187 
PHE CE2 CZ   sing Y N 188 
PHE CE2 HE2  sing N N 189 
PHE CZ  HZ   sing N N 190 
PHE OXT HXT  sing N N 191 
PRO N   CA   sing N N 192 
PRO N   CD   sing N N 193 
PRO N   H    sing N N 194 
PRO CA  C    sing N N 195 
PRO CA  CB   sing N N 196 
PRO CA  HA   sing N N 197 
PRO C   O    doub N N 198 
PRO C   OXT  sing N N 199 
PRO CB  CG   sing N N 200 
PRO CB  HB2  sing N N 201 
PRO CB  HB3  sing N N 202 
PRO CG  CD   sing N N 203 
PRO CG  HG2  sing N N 204 
PRO CG  HG3  sing N N 205 
PRO CD  HD2  sing N N 206 
PRO CD  HD3  sing N N 207 
PRO OXT HXT  sing N N 208 
SER N   CA   sing N N 209 
SER N   H    sing N N 210 
SER N   H2   sing N N 211 
SER CA  C    sing N N 212 
SER CA  CB   sing N N 213 
SER CA  HA   sing N N 214 
SER C   O    doub N N 215 
SER C   OXT  sing N N 216 
SER CB  OG   sing N N 217 
SER CB  HB2  sing N N 218 
SER CB  HB3  sing N N 219 
SER OG  HG   sing N N 220 
SER OXT HXT  sing N N 221 
THR N   CA   sing N N 222 
THR N   H    sing N N 223 
THR N   H2   sing N N 224 
THR CA  C    sing N N 225 
THR CA  CB   sing N N 226 
THR CA  HA   sing N N 227 
THR C   O    doub N N 228 
THR C   OXT  sing N N 229 
THR CB  OG1  sing N N 230 
THR CB  CG2  sing N N 231 
THR CB  HB   sing N N 232 
THR OG1 HG1  sing N N 233 
THR CG2 HG21 sing N N 234 
THR CG2 HG22 sing N N 235 
THR CG2 HG23 sing N N 236 
THR OXT HXT  sing N N 237 
TRP N   CA   sing N N 238 
TRP N   H    sing N N 239 
TRP N   H2   sing N N 240 
TRP CA  C    sing N N 241 
TRP CA  CB   sing N N 242 
TRP CA  HA   sing N N 243 
TRP C   O    doub N N 244 
TRP C   OXT  sing N N 245 
TRP CB  CG   sing N N 246 
TRP CB  HB2  sing N N 247 
TRP CB  HB3  sing N N 248 
TRP CG  CD1  doub Y N 249 
TRP CG  CD2  sing Y N 250 
TRP CD1 NE1  sing Y N 251 
TRP CD1 HD1  sing N N 252 
TRP CD2 CE2  doub Y N 253 
TRP CD2 CE3  sing Y N 254 
TRP NE1 CE2  sing Y N 255 
TRP NE1 HE1  sing N N 256 
TRP CE2 CZ2  sing Y N 257 
TRP CE3 CZ3  doub Y N 258 
TRP CE3 HE3  sing N N 259 
TRP CZ2 CH2  doub Y N 260 
TRP CZ2 HZ2  sing N N 261 
TRP CZ3 CH2  sing Y N 262 
TRP CZ3 HZ3  sing N N 263 
TRP CH2 HH2  sing N N 264 
TRP OXT HXT  sing N N 265 
TYR N   CA   sing N N 266 
TYR N   H    sing N N 267 
TYR N   H2   sing N N 268 
TYR CA  C    sing N N 269 
TYR CA  CB   sing N N 270 
TYR CA  HA   sing N N 271 
TYR C   O    doub N N 272 
TYR C   OXT  sing N N 273 
TYR CB  CG   sing N N 274 
TYR CB  HB2  sing N N 275 
TYR CB  HB3  sing N N 276 
TYR CG  CD1  doub Y N 277 
TYR CG  CD2  sing Y N 278 
TYR CD1 CE1  sing Y N 279 
TYR CD1 HD1  sing N N 280 
TYR CD2 CE2  doub Y N 281 
TYR CD2 HD2  sing N N 282 
TYR CE1 CZ   doub Y N 283 
TYR CE1 HE1  sing N N 284 
TYR CE2 CZ   sing Y N 285 
TYR CE2 HE2  sing N N 286 
TYR CZ  OH   sing N N 287 
TYR OH  HH   sing N N 288 
TYR OXT HXT  sing N N 289 
# 
_atom_sites.entry_id                    1ENH 
_atom_sites.fract_transf_matrix[1][1]   0.00536319 
_atom_sites.fract_transf_matrix[1][2]   -0.02134813 
_atom_sites.fract_transf_matrix[1][3]   -0.01355293 
_atom_sites.fract_transf_matrix[2][1]   0.01705261 
_atom_sites.fract_transf_matrix[2][2]   -0.01715505 
_atom_sites.fract_transf_matrix[2][3]   0.00911784 
_atom_sites.fract_transf_matrix[3][1]   -0.00624916 
_atom_sites.fract_transf_matrix[3][2]   -0.00409657 
_atom_sites.fract_transf_matrix[3][3]   0.00397985 
_atom_sites.fract_transf_vector[1]      0.421774 
_atom_sites.fract_transf_vector[2]      0.953844 
_atom_sites.fract_transf_vector[3]      0.345793 
# 
loop_
_atom_type.symbol 
C 
N 
O 
# 
loop_
_atom_site.group_PDB 
_atom_site.id 
_atom_site.type_symbol 
_atom_site.label_atom_id 
_atom_site.label_alt_id 
_atom_site.label_comp_id 
_atom_site.label_asym_id 
_atom_site.label_entity_id 
_atom_site.label_seq_id 
_atom_site.pdbx_PDB_ins_code 
_atom_site.Cartn_x 
_atom_site.Cartn_y 
_atom_site.Cartn_z 
_atom_site.occupancy 
_atom_site.B_iso_or_equiv 
_atom_site.pdbx_formal_charge 
_atom_site.auth_seq_id 
_atom_site.auth_comp_id 
_atom_site.auth_asym_id 
_atom_site.auth_atom_id 
_atom_site.pdbx_PDB_model_num 
ATOM   1   N N   . ARG A 1 1  ? -4.888  -14.196 4.188   1.00 62.68 ? 3   ARG A N   1 
ATOM   2   C CA  . ARG A 1 1  ? -3.619  -13.932 3.431   1.00 61.88 ? 3   ARG A CA  1 
ATOM   3   C C   . ARG A 1 1  ? -2.627  -13.218 4.358   1.00 62.67 ? 3   ARG A C   1 
ATOM   4   O O   . ARG A 1 1  ? -2.848  -12.067 4.745   1.00 65.49 ? 3   ARG A O   1 
ATOM   5   C CB  . ARG A 1 1  ? -3.922  -13.067 2.209   1.00 58.73 ? 3   ARG A CB  1 
ATOM   6   C CG  . ARG A 1 1  ? -2.725  -12.360 1.644   1.00 57.06 ? 3   ARG A CG  1 
ATOM   7   C CD  . ARG A 1 1  ? -3.162  -11.224 0.754   1.00 54.58 ? 3   ARG A CD  1 
ATOM   8   N NE  . ARG A 1 1  ? -2.993  -11.559 -0.654  1.00 56.07 ? 3   ARG A NE  1 
ATOM   9   C CZ  . ARG A 1 1  ? -3.888  -12.228 -1.386  1.00 57.06 ? 3   ARG A CZ  1 
ATOM   10  N NH1 . ARG A 1 1  ? -5.029  -12.637 -0.846  1.00 57.63 ? 3   ARG A NH1 1 
ATOM   11  N NH2 . ARG A 1 1  ? -3.646  -12.489 -2.668  1.00 57.77 ? 3   ARG A NH2 1 
ATOM   12  N N   . PRO A 1 2  ? -1.551  -13.906 4.773   1.00 62.04 ? 4   PRO A N   1 
ATOM   13  C CA  . PRO A 1 2  ? -0.570  -13.267 5.666   1.00 61.02 ? 4   PRO A CA  1 
ATOM   14  C C   . PRO A 1 2  ? 0.192   -12.208 4.886   1.00 58.49 ? 4   PRO A C   1 
ATOM   15  O O   . PRO A 1 2  ? 0.402   -12.359 3.666   1.00 56.51 ? 4   PRO A O   1 
ATOM   16  C CB  . PRO A 1 2  ? 0.356   -14.426 6.074   1.00 62.35 ? 4   PRO A CB  1 
ATOM   17  C CG  . PRO A 1 2  ? -0.474  -15.669 5.791   1.00 63.35 ? 4   PRO A CG  1 
ATOM   18  C CD  . PRO A 1 2  ? -1.182  -15.303 4.503   1.00 62.27 ? 4   PRO A CD  1 
ATOM   19  N N   . ARG A 1 3  ? 0.566   -11.132 5.570   1.00 53.54 ? 5   ARG A N   1 
ATOM   20  C CA  . ARG A 1 3  ? 1.284   -10.062 4.908   1.00 52.11 ? 5   ARG A CA  1 
ATOM   21  C C   . ARG A 1 3  ? 2.619   -10.546 4.351   1.00 46.55 ? 5   ARG A C   1 
ATOM   22  O O   . ARG A 1 3  ? 3.197   -11.501 4.856   1.00 47.54 ? 5   ARG A O   1 
ATOM   23  C CB  . ARG A 1 3  ? 1.468   -8.867  5.846   1.00 57.06 ? 5   ARG A CB  1 
ATOM   24  C CG  . ARG A 1 3  ? 0.255   -7.943  5.879   1.00 65.13 ? 5   ARG A CG  1 
ATOM   25  C CD  . ARG A 1 3  ? 0.459   -6.705  6.748   1.00 70.89 ? 5   ARG A CD  1 
ATOM   26  N NE  . ARG A 1 3  ? 1.669   -5.948  6.427   1.00 74.60 ? 5   ARG A NE  1 
ATOM   27  C CZ  . ARG A 1 3  ? 1.904   -4.700  6.834   1.00 76.71 ? 5   ARG A CZ  1 
ATOM   28  N NH1 . ARG A 1 3  ? 1.010   -4.035  7.566   1.00 76.81 ? 5   ARG A NH1 1 
ATOM   29  N NH2 . ARG A 1 3  ? 3.097   -4.155  6.619   1.00 78.32 ? 5   ARG A NH2 1 
ATOM   30  N N   . THR A 1 4  ? 3.016   -9.982  3.220   1.00 38.13 ? 6   THR A N   1 
ATOM   31  C CA  . THR A 1 4  ? 4.276   -10.326 2.588   1.00 31.25 ? 6   THR A CA  1 
ATOM   32  C C   . THR A 1 4  ? 5.302   -9.357  3.171   1.00 27.57 ? 6   THR A C   1 
ATOM   33  O O   . THR A 1 4  ? 4.947   -8.472  3.952   1.00 27.27 ? 6   THR A O   1 
ATOM   34  C CB  . THR A 1 4  ? 4.191   -10.139 1.037   1.00 31.32 ? 6   THR A CB  1 
ATOM   35  O OG1 . THR A 1 4  ? 5.399   -10.595 0.425   1.00 28.13 ? 6   THR A OG1 1 
ATOM   36  C CG2 . THR A 1 4  ? 3.974   -8.666  0.671   1.00 29.77 ? 6   THR A CG2 1 
ATOM   37  N N   . ALA A 1 5  ? 6.568   -9.534  2.801   1.00 23.85 ? 7   ALA A N   1 
ATOM   38  C CA  . ALA A 1 5  ? 7.647   -8.664  3.259   1.00 19.82 ? 7   ALA A CA  1 
ATOM   39  C C   . ALA A 1 5  ? 7.858   -7.588  2.201   1.00 16.85 ? 7   ALA A C   1 
ATOM   40  O O   . ALA A 1 5  ? 8.123   -7.889  1.034   1.00 15.86 ? 7   ALA A O   1 
ATOM   41  C CB  . ALA A 1 5  ? 8.894   -9.454  3.446   1.00 19.75 ? 7   ALA A CB  1 
ATOM   42  N N   . PHE A 1 6  ? 7.783   -6.338  2.613   1.00 13.22 ? 8   PHE A N   1 
ATOM   43  C CA  . PHE A 1 6  ? 7.926   -5.248  1.666   1.00 12.34 ? 8   PHE A CA  1 
ATOM   44  C C   . PHE A 1 6  ? 9.343   -4.806  1.623   1.00 12.36 ? 8   PHE A C   1 
ATOM   45  O O   . PHE A 1 6  ? 10.028  -4.871  2.634   1.00 14.69 ? 8   PHE A O   1 
ATOM   46  C CB  . PHE A 1 6  ? 7.070   -4.071  2.091   1.00 14.15 ? 8   PHE A CB  1 
ATOM   47  C CG  . PHE A 1 6  ? 5.610   -4.410  2.264   1.00 20.07 ? 8   PHE A CG  1 
ATOM   48  C CD1 . PHE A 1 6  ? 4.730   -4.305  1.200   1.00 24.15 ? 8   PHE A CD1 1 
ATOM   49  C CD2 . PHE A 1 6  ? 5.123   -4.845  3.501   1.00 26.34 ? 8   PHE A CD2 1 
ATOM   50  C CE1 . PHE A 1 6  ? 3.400   -4.615  1.338   1.00 23.84 ? 8   PHE A CE1 1 
ATOM   51  C CE2 . PHE A 1 6  ? 3.781   -5.163  3.653   1.00 27.63 ? 8   PHE A CE2 1 
ATOM   52  C CZ  . PHE A 1 6  ? 2.919   -5.048  2.559   1.00 27.19 ? 8   PHE A CZ  1 
ATOM   53  N N   . SER A 1 7  ? 9.798   -4.358  0.459   1.00 11.03 ? 9   SER A N   1 
ATOM   54  C CA  . SER A 1 7  ? 11.146  -3.861  0.362   1.00 9.84  ? 9   SER A CA  1 
ATOM   55  C C   . SER A 1 7  ? 11.209  -2.414  0.900   1.00 11.10 ? 9   SER A C   1 
ATOM   56  O O   . SER A 1 7  ? 10.187  -1.757  1.122   1.00 10.27 ? 9   SER A O   1 
ATOM   57  C CB  . SER A 1 7  ? 11.615  -3.915  -1.081  1.00 9.35  ? 9   SER A CB  1 
ATOM   58  O OG  . SER A 1 7  ? 11.008  -2.892  -1.857  1.00 11.74 ? 9   SER A OG  1 
ATOM   59  N N   . SER A 1 8  ? 12.419  -1.957  1.178   1.00 11.41 ? 10  SER A N   1 
ATOM   60  C CA  . SER A 1 8  ? 12.675  -0.600  1.637   1.00 11.98 ? 10  SER A CA  1 
ATOM   61  C C   . SER A 1 8  ? 12.102  0.368   0.651   1.00 7.45  ? 10  SER A C   1 
ATOM   62  O O   . SER A 1 8  ? 11.552  1.362   1.030   1.00 11.39 ? 10  SER A O   1 
ATOM   63  C CB  . SER A 1 8  ? 14.179  -0.342  1.688   1.00 12.98 ? 10  SER A CB  1 
ATOM   64  O OG  . SER A 1 8  ? 14.743  -1.038  2.773   1.00 21.18 ? 10  SER A OG  1 
ATOM   65  N N   . GLU A 1 9  ? 12.344  0.130   -0.621  1.00 5.40  ? 11  GLU A N   1 
ATOM   66  C CA  . GLU A 1 9  ? 11.828  1.006   -1.633  1.00 5.99  ? 11  GLU A CA  1 
ATOM   67  C C   . GLU A 1 9  ? 10.298  0.944   -1.723  1.00 10.91 ? 11  GLU A C   1 
ATOM   68  O O   . GLU A 1 9  ? 9.638   1.967   -1.938  1.00 12.07 ? 11  GLU A O   1 
ATOM   69  C CB  . GLU A 1 9  ? 12.471  0.668   -2.946  1.00 5.78  ? 11  GLU A CB  1 
ATOM   70  C CG  . GLU A 1 9  ? 13.923  0.967   -2.912  1.00 12.26 ? 11  GLU A CG  1 
ATOM   71  C CD  . GLU A 1 9  ? 14.630  0.518   -4.143  1.00 14.31 ? 11  GLU A CD  1 
ATOM   72  O OE1 . GLU A 1 9  ? 14.305  1.019   -5.241  1.00 18.44 ? 11  GLU A OE1 1 
ATOM   73  O OE2 . GLU A 1 9  ? 15.514  -0.351  -3.998  1.00 21.03 ? 11  GLU A OE2 1 
ATOM   74  N N   . GLN A 1 10 ? 9.720   -0.242  -1.558  1.00 11.18 ? 12  GLN A N   1 
ATOM   75  C CA  . GLN A 1 10 ? 8.274   -0.346  -1.599  1.00 9.76  ? 12  GLN A CA  1 
ATOM   76  C C   . GLN A 1 10 ? 7.683   0.401   -0.407  1.00 10.58 ? 12  GLN A C   1 
ATOM   77  O O   . GLN A 1 10 ? 6.728   1.157   -0.569  1.00 11.78 ? 12  GLN A O   1 
ATOM   78  C CB  . GLN A 1 10 ? 7.821   -1.785  -1.610  1.00 9.61  ? 12  GLN A CB  1 
ATOM   79  C CG  . GLN A 1 10 ? 8.089   -2.471  -2.923  1.00 11.59 ? 12  GLN A CG  1 
ATOM   80  C CD  . GLN A 1 10 ? 7.881   -3.976  -2.817  1.00 13.63 ? 12  GLN A CD  1 
ATOM   81  O OE1 . GLN A 1 10 ? 8.112   -4.577  -1.767  1.00 10.09 ? 12  GLN A OE1 1 
ATOM   82  N NE2 . GLN A 1 10 ? 7.416   -4.577  -3.889  1.00 10.28 ? 12  GLN A NE2 1 
ATOM   83  N N   . LEU A 1 11 ? 8.268   0.249   0.773   1.00 8.54  ? 13  LEU A N   1 
ATOM   84  C CA  . LEU A 1 11 ? 7.726   0.938   1.932   1.00 11.04 ? 13  LEU A CA  1 
ATOM   85  C C   . LEU A 1 11 ? 7.820   2.457   1.791   1.00 12.22 ? 13  LEU A C   1 
ATOM   86  O O   . LEU A 1 11 ? 6.908   3.180   2.199   1.00 10.68 ? 13  LEU A O   1 
ATOM   87  C CB  . LEU A 1 11 ? 8.424   0.490   3.212   1.00 13.02 ? 13  LEU A CB  1 
ATOM   88  C CG  . LEU A 1 11 ? 7.972   -0.862  3.725   1.00 16.76 ? 13  LEU A CG  1 
ATOM   89  C CD1 . LEU A 1 11 ? 8.986   -1.382  4.692   1.00 15.29 ? 13  LEU A CD1 1 
ATOM   90  C CD2 . LEU A 1 11 ? 6.590   -0.703  4.377   1.00 18.36 ? 13  LEU A CD2 1 
ATOM   91  N N   . ALA A 1 12 ? 8.914   2.928   1.190   1.00 10.93 ? 14  ALA A N   1 
ATOM   92  C CA  . ALA A 1 12 ? 9.127   4.356   1.020   1.00 11.36 ? 14  ALA A CA  1 
ATOM   93  C C   . ALA A 1 12 ? 8.048   4.915   0.111   1.00 10.22 ? 14  ALA A C   1 
ATOM   94  O O   . ALA A 1 12 ? 7.537   6.013   0.323   1.00 11.17 ? 14  ALA A O   1 
ATOM   95  C CB  . ALA A 1 12 ? 10.501  4.619   0.431   1.00 5.13  ? 14  ALA A CB  1 
ATOM   96  N N   . ARG A 1 13 ? 7.723   4.167   -0.929  1.00 8.49  ? 15  ARG A N   1 
ATOM   97  C CA  . ARG A 1 13 ? 6.720   4.625   -1.851  1.00 6.96  ? 15  ARG A CA  1 
ATOM   98  C C   . ARG A 1 13 ? 5.335   4.632   -1.214  1.00 9.92  ? 15  ARG A C   1 
ATOM   99  O O   . ARG A 1 13 ? 4.549   5.568   -1.421  1.00 9.28  ? 15  ARG A O   1 
ATOM   100 C CB  . ARG A 1 13 ? 6.721   3.749   -3.074  1.00 9.68  ? 15  ARG A CB  1 
ATOM   101 C CG  . ARG A 1 13 ? 5.665   4.173   -4.070  1.00 18.24 ? 15  ARG A CG  1 
ATOM   102 C CD  . ARG A 1 13 ? 5.905   5.577   -4.688  1.00 21.47 ? 15  ARG A CD  1 
ATOM   103 N NE  . ARG A 1 13 ? 4.766   5.913   -5.549  1.00 23.41 ? 15  ARG A NE  1 
ATOM   104 C CZ  . ARG A 1 13 ? 4.473   5.312   -6.713  1.00 29.10 ? 15  ARG A CZ  1 
ATOM   105 N NH1 . ARG A 1 13 ? 5.231   4.332   -7.230  1.00 24.59 ? 15  ARG A NH1 1 
ATOM   106 N NH2 . ARG A 1 13 ? 3.368   5.667   -7.355  1.00 30.15 ? 15  ARG A NH2 1 
ATOM   107 N N   . LEU A 1 14 ? 5.063   3.593   -0.412  1.00 9.38  ? 16  LEU A N   1 
ATOM   108 C CA  . LEU A 1 14 ? 3.795   3.401   0.283   1.00 8.74  ? 16  LEU A CA  1 
ATOM   109 C C   . LEU A 1 14 ? 3.562   4.493   1.297   1.00 11.12 ? 16  LEU A C   1 
ATOM   110 O O   . LEU A 1 14 ? 2.445   4.989   1.421   1.00 13.21 ? 16  LEU A O   1 
ATOM   111 C CB  . LEU A 1 14 ? 3.751   2.031   0.986   1.00 9.21  ? 16  LEU A CB  1 
ATOM   112 C CG  . LEU A 1 14 ? 3.442   0.807   0.116   1.00 8.43  ? 16  LEU A CG  1 
ATOM   113 C CD1 . LEU A 1 14 ? 3.496   -0.470  0.935   1.00 5.38  ? 16  LEU A CD1 1 
ATOM   114 C CD2 . LEU A 1 14 ? 2.066   1.006   -0.455  1.00 10.51 ? 16  LEU A CD2 1 
ATOM   115 N N   . LYS A 1 15 ? 4.603   4.870   2.030   1.00 8.80  ? 17  LYS A N   1 
ATOM   116 C CA  . LYS A 1 15 ? 4.470   5.917   3.030   1.00 11.17 ? 17  LYS A CA  1 
ATOM   117 C C   . LYS A 1 15 ? 4.221   7.291   2.418   1.00 10.34 ? 17  LYS A C   1 
ATOM   118 O O   . LYS A 1 15 ? 3.511   8.122   2.971   1.00 8.24  ? 17  LYS A O   1 
ATOM   119 C CB  . LYS A 1 15 ? 5.703   5.945   3.927   1.00 13.39 ? 17  LYS A CB  1 
ATOM   120 C CG  . LYS A 1 15 ? 5.791   4.708   4.757   1.00 18.31 ? 17  LYS A CG  1 
ATOM   121 C CD  . LYS A 1 15 ? 6.909   4.771   5.751   1.00 25.74 ? 17  LYS A CD  1 
ATOM   122 C CE  . LYS A 1 15 ? 6.866   3.498   6.590   1.00 30.81 ? 17  LYS A CE  1 
ATOM   123 N NZ  . LYS A 1 15 ? 7.642   3.646   7.857   1.00 36.62 ? 17  LYS A NZ  1 
ATOM   124 N N   . ARG A 1 16 ? 4.811   7.504   1.259   1.00 9.58  ? 18  ARG A N   1 
ATOM   125 C CA  . ARG A 1 16 ? 4.701   8.722   0.533   1.00 11.05 ? 18  ARG A CA  1 
ATOM   126 C C   . ARG A 1 16 ? 3.273   8.840   -0.009  1.00 11.00 ? 18  ARG A C   1 
ATOM   127 O O   . ARG A 1 16 ? 2.662   9.894   0.071   1.00 11.42 ? 18  ARG A O   1 
ATOM   128 C CB  . ARG A 1 16 ? 5.706   8.623   -0.574  1.00 17.35 ? 18  ARG A CB  1 
ATOM   129 C CG  . ARG A 1 16 ? 6.011   9.886   -1.215  1.00 29.77 ? 18  ARG A CG  1 
ATOM   130 C CD  . ARG A 1 16 ? 7.134   9.644   -2.197  1.00 40.53 ? 18  ARG A CD  1 
ATOM   131 N NE  . ARG A 1 16 ? 7.550   10.884  -2.842  1.00 48.67 ? 18  ARG A NE  1 
ATOM   132 C CZ  . ARG A 1 16 ? 8.520   11.681  -2.395  1.00 49.89 ? 18  ARG A CZ  1 
ATOM   133 N NH1 . ARG A 1 16 ? 9.197   11.383  -1.281  1.00 51.23 ? 18  ARG A NH1 1 
ATOM   134 N NH2 . ARG A 1 16 ? 8.839   12.765  -3.090  1.00 51.74 ? 18  ARG A NH2 1 
ATOM   135 N N   . GLU A 1 17 ? 2.735   7.740   -0.529  1.00 9.59  ? 19  GLU A N   1 
ATOM   136 C CA  . GLU A 1 17 ? 1.381   7.689   -1.071  1.00 8.16  ? 19  GLU A CA  1 
ATOM   137 C C   . GLU A 1 17 ? 0.362   7.902   0.038   1.00 8.30  ? 19  GLU A C   1 
ATOM   138 O O   . GLU A 1 17 ? -0.635  8.581   -0.150  1.00 9.81  ? 19  GLU A O   1 
ATOM   139 C CB  . GLU A 1 17 ? 1.118   6.326   -1.705  1.00 9.15  ? 19  GLU A CB  1 
ATOM   140 C CG  . GLU A 1 17 ? 1.847   6.076   -2.962  1.00 14.44 ? 19  GLU A CG  1 
ATOM   141 C CD  . GLU A 1 17 ? 1.321   6.925   -4.109  1.00 19.76 ? 19  GLU A CD  1 
ATOM   142 O OE1 . GLU A 1 17 ? 0.207   7.495   -4.011  1.00 23.05 ? 19  GLU A OE1 1 
ATOM   143 O OE2 . GLU A 1 17 ? 2.025   7.025   -5.132  1.00 26.05 ? 19  GLU A OE2 1 
ATOM   144 N N   . PHE A 1 18 ? 0.622   7.295   1.185   1.00 7.33  ? 20  PHE A N   1 
ATOM   145 C CA  . PHE A 1 18 ? -0.242  7.383   2.356   1.00 11.03 ? 20  PHE A CA  1 
ATOM   146 C C   . PHE A 1 18 ? -0.353  8.834   2.814   1.00 12.50 ? 20  PHE A C   1 
ATOM   147 O O   . PHE A 1 18 ? -1.435  9.300   3.186   1.00 12.95 ? 20  PHE A O   1 
ATOM   148 C CB  . PHE A 1 18 ? 0.318   6.503   3.486   1.00 7.13  ? 20  PHE A CB  1 
ATOM   149 C CG  . PHE A 1 18 ? -0.564  6.452   4.696   1.00 10.02 ? 20  PHE A CG  1 
ATOM   150 C CD1 . PHE A 1 18 ? -1.623  5.557   4.757   1.00 10.02 ? 20  PHE A CD1 1 
ATOM   151 C CD2 . PHE A 1 18 ? -0.354  7.325   5.770   1.00 11.24 ? 20  PHE A CD2 1 
ATOM   152 C CE1 . PHE A 1 18 ? -2.453  5.538   5.865   1.00 9.94  ? 20  PHE A CE1 1 
ATOM   153 C CE2 . PHE A 1 18 ? -1.183  7.313   6.889   1.00 8.23  ? 20  PHE A CE2 1 
ATOM   154 C CZ  . PHE A 1 18 ? -2.227  6.436   6.945   1.00 8.17  ? 20  PHE A CZ  1 
ATOM   155 N N   . ASN A 1 19 ? 0.776   9.533   2.754   1.00 14.27 ? 21  ASN A N   1 
ATOM   156 C CA  . ASN A 1 19 ? 0.896   10.926  3.116   1.00 17.30 ? 21  ASN A CA  1 
ATOM   157 C C   . ASN A 1 19 ? 0.073   11.801  2.174   1.00 15.29 ? 21  ASN A C   1 
ATOM   158 O O   . ASN A 1 19 ? -0.361  12.890  2.530   1.00 15.66 ? 21  ASN A O   1 
ATOM   159 C CB  . ASN A 1 19 ? 2.381   11.318  3.063   1.00 25.43 ? 21  ASN A CB  1 
ATOM   160 C CG  . ASN A 1 19 ? 2.618   12.833  3.227   1.00 36.92 ? 21  ASN A CG  1 
ATOM   161 O OD1 . ASN A 1 19 ? 3.215   13.492  2.358   1.00 41.30 ? 21  ASN A OD1 1 
ATOM   162 N ND2 . ASN A 1 19 ? 2.158   13.387  4.349   1.00 42.42 ? 21  ASN A ND2 1 
ATOM   163 N N   . GLU A 1 20 ? -0.095  11.353  0.948   1.00 14.77 ? 22  GLU A N   1 
ATOM   164 C CA  . GLU A 1 20 ? -0.861  12.115  -0.005  1.00 16.69 ? 22  GLU A CA  1 
ATOM   165 C C   . GLU A 1 20 ? -2.352  11.923  0.201   1.00 17.92 ? 22  GLU A C   1 
ATOM   166 O O   . GLU A 1 20 ? -3.130  12.892  0.171   1.00 17.03 ? 22  GLU A O   1 
ATOM   167 C CB  . GLU A 1 20 ? -0.491  11.737  -1.438  1.00 19.66 ? 22  GLU A CB  1 
ATOM   168 C CG  . GLU A 1 20 ? 0.894   12.171  -1.829  1.00 26.64 ? 22  GLU A CG  1 
ATOM   169 C CD  . GLU A 1 20 ? 1.145   13.641  -1.523  1.00 30.79 ? 22  GLU A CD  1 
ATOM   170 O OE1 . GLU A 1 20 ? 0.471   14.502  -2.137  1.00 32.08 ? 22  GLU A OE1 1 
ATOM   171 O OE2 . GLU A 1 20 ? 1.987   13.936  -0.636  1.00 30.65 ? 22  GLU A OE2 1 
ATOM   172 N N   . ASN A 1 21 ? -2.759  10.669  0.371   1.00 15.36 ? 23  ASN A N   1 
ATOM   173 C CA  . ASN A 1 21 ? -4.164  10.333  0.553   1.00 12.68 ? 23  ASN A CA  1 
ATOM   174 C C   . ASN A 1 21 ? -4.177  9.004   1.276   1.00 13.52 ? 23  ASN A C   1 
ATOM   175 O O   . ASN A 1 21 ? -3.611  8.015   0.794   1.00 14.07 ? 23  ASN A O   1 
ATOM   176 C CB  . ASN A 1 21 ? -4.833  10.227  -0.816  1.00 9.83  ? 23  ASN A CB  1 
ATOM   177 C CG  . ASN A 1 21 ? -6.299  9.990   -0.705  1.00 9.53  ? 23  ASN A CG  1 
ATOM   178 O OD1 . ASN A 1 21 ? -6.822  9.867   0.395   1.00 6.58  ? 23  ASN A OD1 1 
ATOM   179 N ND2 . ASN A 1 21 ? -6.978  9.898   -1.840  1.00 7.91  ? 23  ASN A ND2 1 
ATOM   180 N N   . ARG A 1 22 ? -4.785  8.963   2.446   1.00 11.06 ? 24  ARG A N   1 
ATOM   181 C CA  . ARG A 1 22 ? -4.739  7.730   3.179   1.00 14.07 ? 24  ARG A CA  1 
ATOM   182 C C   . ARG A 1 22 ? -5.820  6.705   2.871   1.00 11.74 ? 24  ARG A C   1 
ATOM   183 O O   . ARG A 1 22 ? -5.837  5.628   3.432   1.00 11.21 ? 24  ARG A O   1 
ATOM   184 C CB  . ARG A 1 22 ? -4.656  8.025   4.637   1.00 20.48 ? 24  ARG A CB  1 
ATOM   185 C CG  . ARG A 1 22 ? -5.795  8.797   5.123   1.00 28.25 ? 24  ARG A CG  1 
ATOM   186 C CD  . ARG A 1 22 ? -5.616  9.030   6.574   1.00 35.50 ? 24  ARG A CD  1 
ATOM   187 N NE  . ARG A 1 22 ? -4.349  9.705   6.837   1.00 40.94 ? 24  ARG A NE  1 
ATOM   188 C CZ  . ARG A 1 22 ? -3.983  10.105  8.048   1.00 46.39 ? 24  ARG A CZ  1 
ATOM   189 N NH1 . ARG A 1 22 ? -4.793  9.895   9.086   1.00 49.88 ? 24  ARG A NH1 1 
ATOM   190 N NH2 . ARG A 1 22 ? -2.810  10.695  8.231   1.00 50.41 ? 24  ARG A NH2 1 
ATOM   191 N N   . TYR A 1 23 ? -6.727  7.058   1.976   1.00 12.92 ? 25  TYR A N   1 
ATOM   192 C CA  . TYR A 1 23 ? -7.781  6.165   1.540   1.00 10.35 ? 25  TYR A CA  1 
ATOM   193 C C   . TYR A 1 23 ? -7.420  5.877   0.099   1.00 11.32 ? 25  TYR A C   1 
ATOM   194 O O   . TYR A 1 23 ? -7.039  6.745   -0.671  1.00 14.60 ? 25  TYR A O   1 
ATOM   195 C CB  . TYR A 1 23 ? -9.162  6.804   1.677   1.00 7.28  ? 25  TYR A CB  1 
ATOM   196 C CG  . TYR A 1 23 ? -9.534  7.085   3.128   1.00 5.86  ? 25  TYR A CG  1 
ATOM   197 C CD1 . TYR A 1 23 ? -9.990  6.059   3.967   1.00 7.19  ? 25  TYR A CD1 1 
ATOM   198 C CD2 . TYR A 1 23 ? -9.374  8.363   3.667   1.00 7.55  ? 25  TYR A CD2 1 
ATOM   199 C CE1 . TYR A 1 23 ? -10.251 6.309   5.288   1.00 5.09  ? 25  TYR A CE1 1 
ATOM   200 C CE2 . TYR A 1 23 ? -9.647  8.625   4.989   1.00 6.87  ? 25  TYR A CE2 1 
ATOM   201 C CZ  . TYR A 1 23 ? -10.069 7.593   5.779   1.00 9.47  ? 25  TYR A CZ  1 
ATOM   202 O OH  . TYR A 1 23 ? -10.240 7.836   7.090   1.00 13.89 ? 25  TYR A OH  1 
ATOM   203 N N   . LEU A 1 24 ? -7.558  4.624   -0.248  1.00 15.51 ? 26  LEU A N   1 
ATOM   204 C CA  . LEU A 1 24 ? -7.193  4.104   -1.538  1.00 19.28 ? 26  LEU A CA  1 
ATOM   205 C C   . LEU A 1 24 ? -8.343  3.728   -2.493  1.00 21.13 ? 26  LEU A C   1 
ATOM   206 O O   . LEU A 1 24 ? -9.053  2.750   -2.260  1.00 29.38 ? 26  LEU A O   1 
ATOM   207 C CB  . LEU A 1 24 ? -6.379  2.856   -1.213  1.00 17.11 ? 26  LEU A CB  1 
ATOM   208 C CG  . LEU A 1 24 ? -5.344  2.304   -2.138  1.00 18.28 ? 26  LEU A CG  1 
ATOM   209 C CD1 . LEU A 1 24 ? -4.243  3.349   -2.341  1.00 17.37 ? 26  LEU A CD1 1 
ATOM   210 C CD2 . LEU A 1 24 ? -4.849  1.038   -1.465  1.00 17.29 ? 26  LEU A CD2 1 
ATOM   211 N N   . THR A 1 25 ? -8.535  4.455   -3.580  1.00 18.39 ? 27  THR A N   1 
ATOM   212 C CA  . THR A 1 25 ? -9.562  4.031   -4.505  1.00 15.66 ? 27  THR A CA  1 
ATOM   213 C C   . THR A 1 25 ? -9.085  2.722   -5.179  1.00 18.90 ? 27  THR A C   1 
ATOM   214 O O   . THR A 1 25 ? -7.883  2.410   -5.189  1.00 15.14 ? 27  THR A O   1 
ATOM   215 C CB  . THR A 1 25 ? -9.812  5.082   -5.562  1.00 16.40 ? 27  THR A CB  1 
ATOM   216 O OG1 . THR A 1 25 ? -8.654  5.215   -6.401  1.00 20.66 ? 27  THR A OG1 1 
ATOM   217 C CG2 . THR A 1 25 ? -10.108 6.418   -4.890  1.00 20.40 ? 27  THR A CG2 1 
ATOM   218 N N   . GLU A 1 26 ? -10.026 1.936   -5.694  1.00 19.88 ? 28  GLU A N   1 
ATOM   219 C CA  . GLU A 1 26 ? -9.710  0.690   -6.374  1.00 21.11 ? 28  GLU A CA  1 
ATOM   220 C C   . GLU A 1 26 ? -8.749  0.934   -7.509  1.00 18.96 ? 28  GLU A C   1 
ATOM   221 O O   . GLU A 1 26 ? -7.811  0.185   -7.699  1.00 20.71 ? 28  GLU A O   1 
ATOM   222 C CB  . GLU A 1 26 ? -10.968 0.052   -6.943  1.00 21.32 ? 28  GLU A CB  1 
ATOM   223 C CG  . GLU A 1 26 ? -11.711 -0.812  -5.993  1.00 26.42 ? 28  GLU A CG  1 
ATOM   224 C CD  . GLU A 1 26 ? -12.947 -1.385  -6.643  1.00 28.48 ? 28  GLU A CD  1 
ATOM   225 O OE1 . GLU A 1 26 ? -13.966 -0.668  -6.699  1.00 30.65 ? 28  GLU A OE1 1 
ATOM   226 O OE2 . GLU A 1 26 ? -12.886 -2.535  -7.124  1.00 31.15 ? 28  GLU A OE2 1 
ATOM   227 N N   . ARG A 1 27 ? -8.985  1.978   -8.277  1.00 18.60 ? 29  ARG A N   1 
ATOM   228 C CA  . ARG A 1 27 ? -8.105  2.275   -9.387  1.00 22.75 ? 29  ARG A CA  1 
ATOM   229 C C   . ARG A 1 27 ? -6.674  2.616   -8.962  1.00 22.33 ? 29  ARG A C   1 
ATOM   230 O O   . ARG A 1 27 ? -5.723  2.226   -9.630  1.00 22.45 ? 29  ARG A O   1 
ATOM   231 C CB  . ARG A 1 27 ? -8.682  3.400   -10.244 1.00 30.48 ? 29  ARG A CB  1 
ATOM   232 C CG  . ARG A 1 27 ? -7.948  3.591   -11.585 1.00 43.21 ? 29  ARG A CG  1 
ATOM   233 C CD  . ARG A 1 27 ? -8.856  4.240   -12.643 1.00 52.71 ? 29  ARG A CD  1 
ATOM   234 N NE  . ARG A 1 27 ? -10.102 3.482   -12.827 1.00 61.22 ? 29  ARG A NE  1 
ATOM   235 C CZ  . ARG A 1 27 ? -11.329 4.015   -12.841 1.00 64.27 ? 29  ARG A CZ  1 
ATOM   236 N NH1 . ARG A 1 27 ? -11.501 5.332   -12.696 1.00 66.79 ? 29  ARG A NH1 1 
ATOM   237 N NH2 . ARG A 1 27 ? -12.395 3.219   -12.951 1.00 66.64 ? 29  ARG A NH2 1 
ATOM   238 N N   . ARG A 1 28 ? -6.511  3.399   -7.900  1.00 20.62 ? 30  ARG A N   1 
ATOM   239 C CA  . ARG A 1 28 ? -5.165  3.758   -7.451  1.00 17.50 ? 30  ARG A CA  1 
ATOM   240 C C   . ARG A 1 28 ? -4.462  2.515   -6.904  1.00 15.79 ? 30  ARG A C   1 
ATOM   241 O O   . ARG A 1 28 ? -3.258  2.336   -7.095  1.00 17.68 ? 30  ARG A O   1 
ATOM   242 C CB  . ARG A 1 28 ? -5.189  4.886   -6.388  1.00 18.00 ? 30  ARG A CB  1 
ATOM   243 C CG  . ARG A 1 28 ? -3.789  5.232   -5.845  1.00 19.30 ? 30  ARG A CG  1 
ATOM   244 C CD  . ARG A 1 28 ? -3.701  6.633   -5.230  1.00 22.46 ? 30  ARG A CD  1 
ATOM   245 N NE  . ARG A 1 28 ? -4.371  6.726   -3.946  1.00 26.63 ? 30  ARG A NE  1 
ATOM   246 C CZ  . ARG A 1 28 ? -3.765  7.045   -2.804  1.00 23.53 ? 30  ARG A CZ  1 
ATOM   247 N NH1 . ARG A 1 28 ? -2.465  7.327   -2.770  1.00 23.99 ? 30  ARG A NH1 1 
ATOM   248 N NH2 . ARG A 1 28 ? -4.440  6.962   -1.673  1.00 25.01 ? 30  ARG A NH2 1 
ATOM   249 N N   . ARG A 1 29 ? -5.221  1.654   -6.233  1.00 13.09 ? 31  ARG A N   1 
ATOM   250 C CA  . ARG A 1 29 ? -4.668  0.440   -5.669  1.00 14.26 ? 31  ARG A CA  1 
ATOM   251 C C   . ARG A 1 29 ? -4.163  -0.431  -6.806  1.00 15.86 ? 31  ARG A C   1 
ATOM   252 O O   . ARG A 1 29 ? -3.150  -1.099  -6.669  1.00 17.26 ? 31  ARG A O   1 
ATOM   253 C CB  . ARG A 1 29 ? -5.739  -0.296  -4.867  1.00 13.00 ? 31  ARG A CB  1 
ATOM   254 C CG  . ARG A 1 29 ? -5.230  -1.485  -4.105  1.00 16.27 ? 31  ARG A CG  1 
ATOM   255 C CD  . ARG A 1 29 ? -6.339  -2.104  -3.266  1.00 18.28 ? 31  ARG A CD  1 
ATOM   256 N NE  . ARG A 1 29 ? -7.266  -2.846  -4.111  1.00 23.92 ? 31  ARG A NE  1 
ATOM   257 C CZ  . ARG A 1 29 ? -8.576  -2.956  -3.897  1.00 24.85 ? 31  ARG A CZ  1 
ATOM   258 N NH1 . ARG A 1 29 ? -9.143  -2.369  -2.862  1.00 25.03 ? 31  ARG A NH1 1 
ATOM   259 N NH2 . ARG A 1 29 ? -9.328  -3.673  -4.727  1.00 27.73 ? 31  ARG A NH2 1 
ATOM   260 N N   . GLN A 1 30 ? -4.867  -0.411  -7.935  1.00 18.39 ? 32  GLN A N   1 
ATOM   261 C CA  . GLN A 1 30 ? -4.491  -1.210  -9.084  1.00 20.59 ? 32  GLN A CA  1 
ATOM   262 C C   . GLN A 1 30 ? -3.243  -0.602  -9.723  1.00 20.54 ? 32  GLN A C   1 
ATOM   263 O O   . GLN A 1 30 ? -2.338  -1.321  -10.129 1.00 20.38 ? 32  GLN A O   1 
ATOM   264 C CB  . GLN A 1 30 ? -5.634  -1.275  -10.104 1.00 26.78 ? 32  GLN A CB  1 
ATOM   265 C CG  . GLN A 1 30 ? -5.588  -2.491  -11.043 1.00 42.25 ? 32  GLN A CG  1 
ATOM   266 C CD  . GLN A 1 30 ? -4.227  -2.677  -11.769 1.00 50.59 ? 32  GLN A CD  1 
ATOM   267 O OE1 . GLN A 1 30 ? -3.444  -3.614  -11.472 1.00 54.24 ? 32  GLN A OE1 1 
ATOM   268 N NE2 . GLN A 1 30 ? -3.939  -1.773  -12.715 1.00 54.83 ? 32  GLN A NE2 1 
ATOM   269 N N   . GLN A 1 31 ? -3.177  0.714   -9.811  1.00 16.91 ? 33  GLN A N   1 
ATOM   270 C CA  . GLN A 1 31 ? -2.012  1.334   -10.396 1.00 17.86 ? 33  GLN A CA  1 
ATOM   271 C C   . GLN A 1 31 ? -0.816  1.146   -9.491  1.00 17.27 ? 33  GLN A C   1 
ATOM   272 O O   . GLN A 1 31 ? 0.302   1.033   -9.981  1.00 17.67 ? 33  GLN A O   1 
ATOM   273 C CB  . GLN A 1 31 ? -2.223  2.827   -10.629 1.00 22.86 ? 33  GLN A CB  1 
ATOM   274 C CG  . GLN A 1 31 ? -3.173  3.175   -11.788 1.00 37.29 ? 33  GLN A CG  1 
ATOM   275 C CD  . GLN A 1 31 ? -3.454  4.691   -11.892 1.00 44.33 ? 33  GLN A CD  1 
ATOM   276 O OE1 . GLN A 1 31 ? -2.816  5.508   -11.198 1.00 47.19 ? 33  GLN A OE1 1 
ATOM   277 N NE2 . GLN A 1 31 ? -4.409  5.074   -12.764 1.00 46.08 ? 33  GLN A NE2 1 
ATOM   278 N N   . LEU A 1 32 ? -1.040  1.141   -8.176  1.00 12.70 ? 34  LEU A N   1 
ATOM   279 C CA  . LEU A 1 32 ? 0.062   0.984   -7.236  1.00 13.11 ? 34  LEU A CA  1 
ATOM   280 C C   . LEU A 1 32 ? 0.563   -0.463  -7.268  1.00 13.51 ? 34  LEU A C   1 
ATOM   281 O O   . LEU A 1 32 ? 1.751   -0.735  -7.119  1.00 11.90 ? 34  LEU A O   1 
ATOM   282 C CB  . LEU A 1 32 ? -0.340  1.407   -5.814  1.00 13.02 ? 34  LEU A CB  1 
ATOM   283 C CG  . LEU A 1 32 ? -0.337  2.903   -5.460  1.00 15.72 ? 34  LEU A CG  1 
ATOM   284 C CD1 . LEU A 1 32 ? -0.771  3.103   -4.012  1.00 14.19 ? 34  LEU A CD1 1 
ATOM   285 C CD2 . LEU A 1 32 ? 1.055   3.469   -5.658  1.00 16.97 ? 34  LEU A CD2 1 
ATOM   286 N N   . SER A 1 33 ? -0.349  -1.390  -7.501  1.00 13.75 ? 35  SER A N   1 
ATOM   287 C CA  . SER A 1 33 ? 0.018   -2.791  -7.596  1.00 17.00 ? 35  SER A CA  1 
ATOM   288 C C   . SER A 1 33 ? 0.964   -2.962  -8.797  1.00 16.83 ? 35  SER A C   1 
ATOM   289 O O   . SER A 1 33 ? 2.024   -3.569  -8.658  1.00 19.96 ? 35  SER A O   1 
ATOM   290 C CB  . SER A 1 33 ? -1.249  -3.632  -7.754  1.00 16.10 ? 35  SER A CB  1 
ATOM   291 O OG  . SER A 1 33 ? -0.948  -4.971  -8.071  1.00 21.32 ? 35  SER A OG  1 
ATOM   292 N N   . SER A 1 34 ? 0.591   -2.409  -9.958  1.00 18.54 ? 36  SER A N   1 
ATOM   293 C CA  . SER A 1 34 ? 1.405   -2.458  -11.185 1.00 20.15 ? 36  SER A CA  1 
ATOM   294 C C   . SER A 1 34 ? 2.780   -1.862  -11.011 1.00 20.05 ? 36  SER A C   1 
ATOM   295 O O   . SER A 1 34 ? 3.779   -2.441  -11.444 1.00 21.52 ? 36  SER A O   1 
ATOM   296 C CB  . SER A 1 34 ? 0.743   -1.699  -12.332 1.00 21.17 ? 36  SER A CB  1 
ATOM   297 O OG  . SER A 1 34 ? -0.250  -2.488  -12.947 1.00 35.04 ? 36  SER A OG  1 
ATOM   298 N N   . GLU A 1 35 ? 2.809   -0.659  -10.465 1.00 18.13 ? 37  GLU A N   1 
ATOM   299 C CA  . GLU A 1 35 ? 4.050   0.026   -10.237 1.00 19.14 ? 37  GLU A CA  1 
ATOM   300 C C   . GLU A 1 35 ? 4.959   -0.587  -9.199  1.00 19.95 ? 37  GLU A C   1 
ATOM   301 O O   . GLU A 1 35 ? 6.166   -0.539  -9.363  1.00 21.96 ? 37  GLU A O   1 
ATOM   302 C CB  . GLU A 1 35 ? 3.788   1.430   -9.804  1.00 19.75 ? 37  GLU A CB  1 
ATOM   303 C CG  . GLU A 1 35 ? 3.289   2.261   -10.896 1.00 32.33 ? 37  GLU A CG  1 
ATOM   304 C CD  . GLU A 1 35 ? 3.219   3.687   -10.480 1.00 36.44 ? 37  GLU A CD  1 
ATOM   305 O OE1 . GLU A 1 35 ? 4.232   4.210   -9.954  1.00 40.30 ? 37  GLU A OE1 1 
ATOM   306 O OE2 . GLU A 1 35 ? 2.132   4.268   -10.646 1.00 42.62 ? 37  GLU A OE2 1 
ATOM   307 N N   . LEU A 1 36 ? 4.415   -1.136  -8.119  1.00 15.99 ? 38  LEU A N   1 
ATOM   308 C CA  . LEU A 1 36 ? 5.276   -1.665  -7.073  1.00 12.39 ? 38  LEU A CA  1 
ATOM   309 C C   . LEU A 1 36 ? 5.557   -3.143  -7.135  1.00 11.26 ? 38  LEU A C   1 
ATOM   310 O O   . LEU A 1 36 ? 6.457   -3.609  -6.456  1.00 12.29 ? 38  LEU A O   1 
ATOM   311 C CB  . LEU A 1 36 ? 4.712   -1.323  -5.690  1.00 12.34 ? 38  LEU A CB  1 
ATOM   312 C CG  . LEU A 1 36 ? 4.601   0.147   -5.275  1.00 15.99 ? 38  LEU A CG  1 
ATOM   313 C CD1 . LEU A 1 36 ? 3.944   0.251   -3.936  1.00 15.20 ? 38  LEU A CD1 1 
ATOM   314 C CD2 . LEU A 1 36 ? 5.955   0.758   -5.198  1.00 16.62 ? 38  LEU A CD2 1 
ATOM   315 N N   . GLY A 1 37 ? 4.781   -3.886  -7.910  1.00 13.50 ? 39  GLY A N   1 
ATOM   316 C CA  . GLY A 1 37 ? 4.976   -5.332  -7.994  1.00 12.21 ? 39  GLY A CA  1 
ATOM   317 C C   . GLY A 1 37 ? 4.380   -6.089  -6.805  1.00 12.24 ? 39  GLY A C   1 
ATOM   318 O O   . GLY A 1 37 ? 4.792   -7.198  -6.493  1.00 11.54 ? 39  GLY A O   1 
ATOM   319 N N   . LEU A 1 38 ? 3.391   -5.494  -6.155  1.00 8.48  ? 40  LEU A N   1 
ATOM   320 C CA  . LEU A 1 38 ? 2.757   -6.092  -4.989  1.00 11.88 ? 40  LEU A CA  1 
ATOM   321 C C   . LEU A 1 38 ? 1.325   -6.434  -5.339  1.00 13.62 ? 40  LEU A C   1 
ATOM   322 O O   . LEU A 1 38 ? 0.715   -5.744  -6.136  1.00 15.55 ? 40  LEU A O   1 
ATOM   323 C CB  . LEU A 1 38 ? 2.690   -5.080  -3.853  1.00 11.32 ? 40  LEU A CB  1 
ATOM   324 C CG  . LEU A 1 38 ? 3.879   -4.797  -2.987  1.00 9.18  ? 40  LEU A CG  1 
ATOM   325 C CD1 . LEU A 1 38 ? 3.690   -3.475  -2.252  1.00 9.74  ? 40  LEU A CD1 1 
ATOM   326 C CD2 . LEU A 1 38 ? 3.945   -5.937  -2.039  1.00 11.10 ? 40  LEU A CD2 1 
ATOM   327 N N   . ASN A 1 39 ? 0.773   -7.450  -4.684  1.00 15.03 ? 41  ASN A N   1 
ATOM   328 C CA  . ASN A 1 39 ? -0.612  -7.861  -4.905  1.00 15.81 ? 41  ASN A CA  1 
ATOM   329 C C   . ASN A 1 39 ? -1.503  -6.743  -4.351  1.00 14.25 ? 41  ASN A C   1 
ATOM   330 O O   . ASN A 1 39 ? -1.230  -6.233  -3.280  1.00 11.62 ? 41  ASN A O   1 
ATOM   331 C CB  . ASN A 1 39 ? -0.898  -9.121  -4.115  1.00 17.26 ? 41  ASN A CB  1 
ATOM   332 C CG  . ASN A 1 39 ? -2.166  -9.785  -4.545  1.00 21.51 ? 41  ASN A CG  1 
ATOM   333 O OD1 . ASN A 1 39 ? -3.260  -9.251  -4.366  1.00 22.02 ? 41  ASN A OD1 1 
ATOM   334 N ND2 . ASN A 1 39 ? -2.031  -10.960 -5.143  1.00 26.82 ? 41  ASN A ND2 1 
ATOM   335 N N   . GLU A 1 40 ? -2.588  -6.401  -5.049  1.00 17.60 ? 42  GLU A N   1 
ATOM   336 C CA  . GLU A 1 40 ? -3.498  -5.345  -4.602  1.00 15.11 ? 42  GLU A CA  1 
ATOM   337 C C   . GLU A 1 40 ? -3.943  -5.597  -3.205  1.00 15.18 ? 42  GLU A C   1 
ATOM   338 O O   . GLU A 1 40 ? -4.123  -4.660  -2.447  1.00 17.24 ? 42  GLU A O   1 
ATOM   339 C CB  . GLU A 1 40 ? -4.733  -5.265  -5.469  1.00 17.02 ? 42  GLU A CB  1 
ATOM   340 C CG  . GLU A 1 40 ? -4.467  -4.764  -6.848  1.00 22.10 ? 42  GLU A CG  1 
ATOM   341 C CD  . GLU A 1 40 ? -5.729  -4.660  -7.682  1.00 26.14 ? 42  GLU A CD  1 
ATOM   342 O OE1 . GLU A 1 40 ? -6.807  -4.422  -7.091  1.00 30.86 ? 42  GLU A OE1 1 
ATOM   343 O OE2 . GLU A 1 40 ? -5.638  -4.799  -8.928  1.00 30.69 ? 42  GLU A OE2 1 
ATOM   344 N N   . ALA A 1 41 ? -4.099  -6.869  -2.847  1.00 15.88 ? 43  ALA A N   1 
ATOM   345 C CA  . ALA A 1 41 ? -4.531  -7.227  -1.498  1.00 14.07 ? 43  ALA A CA  1 
ATOM   346 C C   . ALA A 1 41 ? -3.516  -6.868  -0.444  1.00 15.98 ? 43  ALA A C   1 
ATOM   347 O O   . ALA A 1 41 ? -3.892  -6.552  0.678   1.00 17.49 ? 43  ALA A O   1 
ATOM   348 C CB  . ALA A 1 41 ? -4.857  -8.691  -1.408  1.00 17.26 ? 43  ALA A CB  1 
ATOM   349 N N   . GLN A 1 42 ? -2.229  -6.904  -0.790  1.00 14.55 ? 44  GLN A N   1 
ATOM   350 C CA  . GLN A 1 42 ? -1.213  -6.546  0.188   1.00 14.26 ? 44  GLN A CA  1 
ATOM   351 C C   . GLN A 1 42 ? -1.181  -5.051  0.478   1.00 11.18 ? 44  GLN A C   1 
ATOM   352 O O   . GLN A 1 42 ? -0.845  -4.624  1.581   1.00 12.68 ? 44  GLN A O   1 
ATOM   353 C CB  . GLN A 1 42 ? 0.147   -6.998  -0.304  1.00 15.66 ? 44  GLN A CB  1 
ATOM   354 C CG  . GLN A 1 42 ? 0.254   -8.498  -0.414  1.00 18.22 ? 44  GLN A CG  1 
ATOM   355 C CD  . GLN A 1 42 ? 0.283   -9.148  0.937   1.00 18.31 ? 44  GLN A CD  1 
ATOM   356 O OE1 . GLN A 1 42 ? 0.776   -8.580  1.899   1.00 18.22 ? 44  GLN A OE1 1 
ATOM   357 N NE2 . GLN A 1 42 ? -0.232  -10.354 1.014   1.00 22.98 ? 44  GLN A NE2 1 
ATOM   358 N N   . ILE A 1 43 ? -1.530  -4.266  -0.531  1.00 11.58 ? 45  ILE A N   1 
ATOM   359 C CA  . ILE A 1 43 ? -1.536  -2.812  -0.434  1.00 12.71 ? 45  ILE A CA  1 
ATOM   360 C C   . ILE A 1 43 ? -2.715  -2.377  0.421   1.00 12.88 ? 45  ILE A C   1 
ATOM   361 O O   . ILE A 1 43 ? -2.576  -1.519  1.304   1.00 12.49 ? 45  ILE A O   1 
ATOM   362 C CB  . ILE A 1 43 ? -1.584  -2.162  -1.851  1.00 11.70 ? 45  ILE A CB  1 
ATOM   363 C CG1 . ILE A 1 43 ? -0.352  -2.621  -2.640  1.00 11.62 ? 45  ILE A CG1 1 
ATOM   364 C CG2 . ILE A 1 43 ? -1.616  -0.612  -1.744  1.00 12.48 ? 45  ILE A CG2 1 
ATOM   365 C CD1 . ILE A 1 43 ? -0.256  -2.126  -4.047  1.00 9.50  ? 45  ILE A CD1 1 
ATOM   366 N N   . LYS A 1 44 ? -3.864  -2.996  0.164   1.00 14.11 ? 46  LYS A N   1 
ATOM   367 C CA  . LYS A 1 44 ? -5.089  -2.720  0.911   1.00 16.59 ? 46  LYS A CA  1 
ATOM   368 C C   . LYS A 1 44 ? -4.894  -2.942  2.418   1.00 17.18 ? 46  LYS A C   1 
ATOM   369 O O   . LYS A 1 44 ? -5.259  -2.085  3.230   1.00 18.54 ? 46  LYS A O   1 
ATOM   370 C CB  . LYS A 1 44 ? -6.232  -3.579  0.374   1.00 15.98 ? 46  LYS A CB  1 
ATOM   371 C CG  . LYS A 1 44 ? -7.461  -3.540  1.210   1.00 19.49 ? 46  LYS A CG  1 
ATOM   372 C CD  . LYS A 1 44 ? -8.595  -4.092  0.425   1.00 25.84 ? 46  LYS A CD  1 
ATOM   373 C CE  . LYS A 1 44 ? -9.894  -3.990  1.219   1.00 32.32 ? 46  LYS A CE  1 
ATOM   374 N NZ  . LYS A 1 44 ? -11.098 -4.035  0.296   1.00 36.42 ? 46  LYS A NZ  1 
ATOM   375 N N   . ILE A 1 45 ? -4.328  -4.091  2.782   1.00 16.47 ? 47  ILE A N   1 
ATOM   376 C CA  . ILE A 1 45 ? -4.048  -4.423  4.169   1.00 15.92 ? 47  ILE A CA  1 
ATOM   377 C C   . ILE A 1 45 ? -3.021  -3.450  4.739   1.00 16.47 ? 47  ILE A C   1 
ATOM   378 O O   . ILE A 1 45 ? -3.156  -2.999  5.871   1.00 17.79 ? 47  ILE A O   1 
ATOM   379 C CB  . ILE A 1 45 ? -3.494  -5.858  4.287   1.00 19.96 ? 47  ILE A CB  1 
ATOM   380 C CG1 . ILE A 1 45 ? -4.608  -6.860  4.001   1.00 22.65 ? 47  ILE A CG1 1 
ATOM   381 C CG2 . ILE A 1 45 ? -2.891  -6.099  5.659   1.00 19.84 ? 47  ILE A CG2 1 
ATOM   382 C CD1 . ILE A 1 45 ? -4.089  -8.244  3.659   1.00 28.10 ? 47  ILE A CD1 1 
ATOM   383 N N   . TRP A 1 46 ? -1.977  -3.131  3.977   1.00 17.22 ? 48  TRP A N   1 
ATOM   384 C CA  . TRP A 1 46 ? -0.991  -2.191  4.475   1.00 14.11 ? 48  TRP A CA  1 
ATOM   385 C C   . TRP A 1 46 ? -1.683  -0.853  4.784   1.00 12.39 ? 48  TRP A C   1 
ATOM   386 O O   . TRP A 1 46 ? -1.468  -0.265  5.839   1.00 11.87 ? 48  TRP A O   1 
ATOM   387 C CB  . TRP A 1 46 ? 0.131   -2.008  3.470   1.00 13.10 ? 48  TRP A CB  1 
ATOM   388 C CG  . TRP A 1 46 ? 1.213   -1.182  4.047   1.00 11.71 ? 48  TRP A CG  1 
ATOM   389 C CD1 . TRP A 1 46 ? 2.244   -1.612  4.819   1.00 12.35 ? 48  TRP A CD1 1 
ATOM   390 C CD2 . TRP A 1 46 ? 1.332   0.246   3.971   1.00 11.40 ? 48  TRP A CD2 1 
ATOM   391 N NE1 . TRP A 1 46 ? 3.001   -0.534  5.241   1.00 13.08 ? 48  TRP A NE1 1 
ATOM   392 C CE2 . TRP A 1 46 ? 2.459   0.614   4.734   1.00 12.72 ? 48  TRP A CE2 1 
ATOM   393 C CE3 . TRP A 1 46 ? 0.592   1.246   3.341   1.00 9.63  ? 48  TRP A CE3 1 
ATOM   394 C CZ2 . TRP A 1 46 ? 2.860   1.934   4.873   1.00 12.08 ? 48  TRP A CZ2 1 
ATOM   395 C CZ3 . TRP A 1 46 ? 0.981   2.538   3.483   1.00 8.66  ? 48  TRP A CZ3 1 
ATOM   396 C CH2 . TRP A 1 46 ? 2.105   2.881   4.244   1.00 12.85 ? 48  TRP A CH2 1 
ATOM   397 N N   . PHE A 1 47 ? -2.531  -0.378  3.880   1.00 12.87 ? 49  PHE A N   1 
ATOM   398 C CA  . PHE A 1 47 ? -3.264  0.880   4.107   1.00 16.55 ? 49  PHE A CA  1 
ATOM   399 C C   . PHE A 1 47 ? -4.188  0.803   5.361   1.00 18.39 ? 49  PHE A C   1 
ATOM   400 O O   . PHE A 1 47 ? -4.122  1.672   6.247   1.00 18.45 ? 49  PHE A O   1 
ATOM   401 C CB  . PHE A 1 47 ? -4.056  1.314   2.840   1.00 14.96 ? 49  PHE A CB  1 
ATOM   402 C CG  . PHE A 1 47 ? -3.321  2.335   1.960   1.00 14.56 ? 49  PHE A CG  1 
ATOM   403 C CD1 . PHE A 1 47 ? -2.306  1.934   1.084   1.00 14.90 ? 49  PHE A CD1 1 
ATOM   404 C CD2 . PHE A 1 47 ? -3.620  3.693   2.046   1.00 12.09 ? 49  PHE A CD2 1 
ATOM   405 C CE1 . PHE A 1 47 ? -1.603  2.866   0.315   1.00 12.16 ? 49  PHE A CE1 1 
ATOM   406 C CE2 . PHE A 1 47 ? -2.920  4.627   1.281   1.00 12.56 ? 49  PHE A CE2 1 
ATOM   407 C CZ  . PHE A 1 47 ? -1.909  4.204   0.415   1.00 12.30 ? 49  PHE A CZ  1 
ATOM   408 N N   . GLN A 1 48 ? -4.967  -0.271  5.491   1.00 18.46 ? 50  GLN A N   1 
ATOM   409 C CA  . GLN A 1 48 ? -5.861  -0.410  6.636   1.00 21.86 ? 50  GLN A CA  1 
ATOM   410 C C   . GLN A 1 48 ? -5.123  -0.440  7.943   1.00 21.36 ? 50  GLN A C   1 
ATOM   411 O O   . GLN A 1 48 ? -5.566  0.180   8.892   1.00 23.16 ? 50  GLN A O   1 
ATOM   412 C CB  . GLN A 1 48 ? -6.721  -1.655  6.530   1.00 23.60 ? 50  GLN A CB  1 
ATOM   413 C CG  . GLN A 1 48 ? -7.575  -1.673  5.297   1.00 31.50 ? 50  GLN A CG  1 
ATOM   414 C CD  . GLN A 1 48 ? -8.267  -3.010  5.078   1.00 35.33 ? 50  GLN A CD  1 
ATOM   415 O OE1 . GLN A 1 48 ? -9.107  -3.138  4.183   1.00 40.02 ? 50  GLN A OE1 1 
ATOM   416 N NE2 . GLN A 1 48 ? -7.889  -4.022  5.857   1.00 35.13 ? 50  GLN A NE2 1 
ATOM   417 N N   . ASN A 1 49 ? -3.987  -1.132  7.997   1.00 21.45 ? 51  ASN A N   1 
ATOM   418 C CA  . ASN A 1 49 ? -3.211  -1.226  9.242   1.00 21.92 ? 51  ASN A CA  1 
ATOM   419 C C   . ASN A 1 49 ? -2.551  0.090   9.566   1.00 21.20 ? 51  ASN A C   1 
ATOM   420 O O   . ASN A 1 49 ? -2.388  0.464   10.721  1.00 23.75 ? 51  ASN A O   1 
ATOM   421 C CB  . ASN A 1 49 ? -2.125  -2.312  9.160   1.00 25.14 ? 51  ASN A CB  1 
ATOM   422 C CG  . ASN A 1 49 ? -2.699  -3.748  9.073   1.00 33.57 ? 51  ASN A CG  1 
ATOM   423 O OD1 . ASN A 1 49 ? -2.107  -4.624  8.427   1.00 37.84 ? 51  ASN A OD1 1 
ATOM   424 N ND2 . ASN A 1 49 ? -3.846  -3.992  9.724   1.00 35.67 ? 51  ASN A ND2 1 
ATOM   425 N N   . LYS A 1 50 ? -2.123  0.782   8.533   1.00 19.48 ? 52  LYS A N   1 
ATOM   426 C CA  . LYS A 1 50 ? -1.461  2.049   8.710   1.00 19.78 ? 52  LYS A CA  1 
ATOM   427 C C   . LYS A 1 50 ? -2.416  3.081   9.308   1.00 20.09 ? 52  LYS A C   1 
ATOM   428 O O   . LYS A 1 50 ? -1.997  3.921   10.097  1.00 21.13 ? 52  LYS A O   1 
ATOM   429 C CB  . LYS A 1 50 ? -0.931  2.521   7.362   1.00 18.77 ? 52  LYS A CB  1 
ATOM   430 C CG  . LYS A 1 50 ? 0.127   3.522   7.491   1.00 20.37 ? 52  LYS A CG  1 
ATOM   431 C CD  . LYS A 1 50 ? 1.286   2.902   8.205   1.00 25.84 ? 52  LYS A CD  1 
ATOM   432 C CE  . LYS A 1 50 ? 2.055   3.962   8.926   1.00 27.61 ? 52  LYS A CE  1 
ATOM   433 N NZ  . LYS A 1 50 ? 2.375   5.059   7.993   1.00 28.52 ? 52  LYS A NZ  1 
ATOM   434 N N   . ARG A 1 51 ? -3.685  3.033   8.900   1.00 19.89 ? 53  ARG A N   1 
ATOM   435 C CA  . ARG A 1 51 ? -4.701  3.965   9.397   1.00 22.76 ? 53  ARG A CA  1 
ATOM   436 C C   . ARG A 1 51 ? -5.075  3.628   10.822  1.00 27.34 ? 53  ARG A C   1 
ATOM   437 O O   . ARG A 1 51 ? -5.493  4.503   11.583  1.00 27.40 ? 53  ARG A O   1 
ATOM   438 C CB  . ARG A 1 51 ? -5.963  3.917   8.547   1.00 18.39 ? 53  ARG A CB  1 
ATOM   439 C CG  . ARG A 1 51 ? -5.828  4.592   7.225   1.00 14.12 ? 53  ARG A CG  1 
ATOM   440 C CD  . ARG A 1 51 ? -7.195  4.867   6.617   1.00 14.36 ? 53  ARG A CD  1 
ATOM   441 N NE  . ARG A 1 51 ? -7.976  3.652   6.388   1.00 11.48 ? 53  ARG A NE  1 
ATOM   442 C CZ  . ARG A 1 51 ? -7.986  2.946   5.256   1.00 10.73 ? 53  ARG A CZ  1 
ATOM   443 N NH1 . ARG A 1 51 ? -7.264  3.294   4.215   1.00 12.17 ? 53  ARG A NH1 1 
ATOM   444 N NH2 . ARG A 1 51 ? -8.748  1.878   5.162   1.00 14.24 ? 53  ARG A NH2 1 
ATOM   445 N N   . ALA A 1 52 ? -4.985  2.339   11.153  1.00 30.83 ? 54  ALA A N   1 
ATOM   446 C CA  . ALA A 1 52 ? -5.294  1.874   12.504  1.00 36.18 ? 54  ALA A CA  1 
ATOM   447 C C   . ALA A 1 52 ? -4.194  2.320   13.465  1.00 38.94 ? 54  ALA A C   1 
ATOM   448 O O   . ALA A 1 52 ? -4.484  2.752   14.564  1.00 41.15 ? 54  ALA A O   1 
ATOM   449 C CB  . ALA A 1 52 ? -5.468  0.357   12.533  1.00 34.30 ? 54  ALA A CB  1 
ATOM   450 N N   . LYS A 1 53 ? -2.936  2.197   13.055  1.00 41.74 ? 55  LYS A N   1 
ATOM   451 C CA  . LYS A 1 53 ? -1.817  2.622   13.883  1.00 44.89 ? 55  LYS A CA  1 
ATOM   452 C C   . LYS A 1 53 ? -1.897  4.121   14.104  1.00 47.30 ? 55  LYS A C   1 
ATOM   453 O O   . LYS A 1 53 ? -1.568  4.624   15.167  1.00 49.20 ? 55  LYS A O   1 
ATOM   454 C CB  . LYS A 1 53 ? -0.496  2.311   13.190  1.00 47.63 ? 55  LYS A CB  1 
ATOM   455 C CG  . LYS A 1 53 ? -0.175  0.834   13.122  1.00 54.87 ? 55  LYS A CG  1 
ATOM   456 C CD  . LYS A 1 53 ? 1.137   0.570   12.347  1.00 60.59 ? 55  LYS A CD  1 
ATOM   457 C CE  . LYS A 1 53 ? 0.935   0.545   10.819  1.00 61.54 ? 55  LYS A CE  1 
ATOM   458 N NZ  . LYS A 1 53 ? 2.184   0.179   10.067  1.00 64.89 ? 55  LYS A NZ  1 
ATOM   459 N N   . ILE A 1 54 ? -2.262  4.824   13.043  1.00 51.41 ? 56  ILE A N   1 
ATOM   460 C CA  . ILE A 1 54 ? -2.405  6.278   13.035  1.00 52.89 ? 56  ILE A CA  1 
ATOM   461 C C   . ILE A 1 54 ? -3.540  6.734   13.972  1.00 54.89 ? 56  ILE A C   1 
ATOM   462 O O   . ILE A 1 54 ? -3.235  7.351   15.022  1.00 55.74 ? 56  ILE A O   1 
ATOM   463 C CB  . ILE A 1 54 ? -2.645  6.763   11.551  1.00 52.16 ? 56  ILE A CB  1 
ATOM   464 C CG1 . ILE A 1 54 ? -1.486  7.654   11.084  1.00 52.33 ? 56  ILE A CG1 1 
ATOM   465 C CG2 . ILE A 1 54 ? -4.028  7.394   11.368  1.00 51.95 ? 56  ILE A CG2 1 
ATOM   466 C CD1 . ILE A 1 54 ? -0.177  6.892   10.854  1.00 49.50 ? 56  ILE A CD1 1 
HETATM 467 O O   . HOH B 2 .  ? -6.855  7.392   -3.222  1.00 17.87 ? 100 HOH A O   1 
HETATM 468 O O   . HOH B 2 .  ? -8.483  -0.062  -1.327  1.00 33.10 ? 101 HOH A O   1 
HETATM 469 O O   . HOH B 2 .  ? -7.175  -0.194  2.440   1.00 21.54 ? 102 HOH A O   1 
HETATM 470 O O   . HOH B 2 .  ? 14.678  -1.742  -1.729  1.00 55.80 ? 103 HOH A O   1 
HETATM 471 O O   . HOH B 2 .  ? 12.063  2.392   3.481   1.00 24.07 ? 104 HOH A O   1 
HETATM 472 O O   . HOH B 2 .  ? -3.069  -7.907  -7.387  1.00 28.96 ? 105 HOH A O   1 
HETATM 473 O O   . HOH B 2 .  ? 5.937   12.299  2.207   1.00 47.59 ? 106 HOH A O   1 
HETATM 474 O O   . HOH B 2 .  ? 8.910   -1.773  -6.040  1.00 34.09 ? 107 HOH A O   1 
HETATM 475 O O   . HOH B 2 .  ? 7.735   -3.048  -10.438 1.00 28.84 ? 108 HOH A O   1 
HETATM 476 O O   . HOH B 2 .  ? 15.387  -3.927  2.073   1.00 34.54 ? 110 HOH A O   1 
HETATM 477 O O   . HOH B 2 .  ? 8.467   7.834   2.130   1.00 24.77 ? 111 HOH A O   1 
HETATM 478 O O   . HOH B 2 .  ? -11.565 -0.195  -1.869  1.00 53.37 ? 112 HOH A O   1 
HETATM 479 O O   . HOH B 2 .  ? -7.083  8.160   9.414   1.00 47.40 ? 113 HOH A O   1 
HETATM 480 O O   . HOH B 2 .  ? -13.261 2.983   -4.561  1.00 33.45 ? 115 HOH A O   1 
HETATM 481 O O   . HOH B 2 .  ? -8.158  2.365   2.052   1.00 36.50 ? 116 HOH A O   1 
HETATM 482 O O   . HOH B 2 .  ? 7.799   -5.889  5.291   1.00 34.87 ? 117 HOH A O   1 
HETATM 483 O O   . HOH B 2 .  ? 0.772   -0.960  7.826   1.00 31.93 ? 118 HOH A O   1 
HETATM 484 O O   . HOH B 2 .  ? -8.032  0.380   9.288   1.00 43.77 ? 119 HOH A O   1 
HETATM 485 O O   . HOH B 2 .  ? 17.849  -2.547  3.027   1.00 27.41 ? 120 HOH A O   1 
HETATM 486 O O   . HOH B 2 .  ? 0.250   -6.116  3.822   1.00 31.86 ? 121 HOH A O   1 
HETATM 487 O O   . HOH B 2 .  ? 11.307  4.273   -3.188  1.00 42.65 ? 122 HOH A O   1 
HETATM 488 O O   . HOH B 2 .  ? -2.730  11.446  4.739   1.00 39.33 ? 123 HOH A O   1 
HETATM 489 O O   . HOH B 2 .  ? 14.440  1.651   4.674   1.00 54.30 ? 124 HOH A O   1 
HETATM 490 O O   . HOH B 2 .  ? 9.049   7.666   -2.300  1.00 48.09 ? 125 HOH A O   1 
HETATM 491 O O   . HOH B 2 .  ? 3.120   7.845   6.042   1.00 40.33 ? 126 HOH A O   1 
HETATM 492 O O   . HOH B 2 .  ? -3.370  -5.849  -9.653  1.00 42.17 ? 127 HOH A O   1 
HETATM 493 O O   . HOH B 2 .  ? 1.611   -6.656  -9.392  1.00 38.27 ? 128 HOH A O   1 
HETATM 494 O O   . HOH B 2 .  ? -6.245  -4.846  8.459   1.00 51.79 ? 129 HOH A O   1 
HETATM 495 O O   . HOH B 2 .  ? -9.710  6.411   -8.984  1.00 41.21 ? 130 HOH A O   1 
HETATM 496 O O   . HOH B 2 .  ? -1.395  14.226  4.945   1.00 47.86 ? 131 HOH A O   1 
HETATM 497 O O   . HOH B 2 .  ? 3.878   12.490  0.182   1.00 30.37 ? 133 HOH A O   1 
HETATM 498 O O   . HOH B 2 .  ? -2.405  -3.213  -14.664 1.00 68.62 ? 134 HOH A O   1 
HETATM 499 O O   . HOH B 2 .  ? 4.889   -0.419  7.892   1.00 48.86 ? 135 HOH A O   1 
# 
